data_3QT8
#
_entry.id   3QT8
#
_cell.length_a   82.505
_cell.length_b   101.367
_cell.length_c   155.255
_cell.angle_alpha   90.00
_cell.angle_beta   90.00
_cell.angle_gamma   90.00
#
_symmetry.space_group_name_H-M   'C 2 2 21'
#
loop_
_entity.id
_entity.type
_entity.pdbx_description
1 polymer 'Mevalonate diphosphate decarboxylase'
2 non-polymer '(3R)-3-(fluoromethyl)-3-hydroxy-5-{[(S)-hydroxy(phosphonooxy)phosphoryl]oxy}pentanoic acid'
3 non-polymer GLYCEROL
4 water water
#
_entity_poly.entity_id   1
_entity_poly.type   'polypeptide(L)'
_entity_poly.pdbx_seq_one_letter_code
;GSTGSMVKSGKARAHTNIALIKYWGKADETYIIPMNNSLSVTLDRFYTETKVTFDPDFTEDCLILNGNEVNAKEKEKIQN
YMNIVRDLAGNRLHARIESENYVPTAAGLASSASAYAALAAACNEALSLNLSDTDLSRLARRGSGSASRSIFGGFAEWEK
GHDDLTSYAHGINSNGWEKDLSMIFVVINNQSKKVSARSGMSLTRDTSRFYQYWLDHVDEDLNEAKEAVKNQDFQRLGEV
IEANGLRMHATNLGAQPPFTYLVQESYDAMAIVEQCRKANLPCYFTMDAGPNVKVLVEKKNKQAVMEQFLKVFDESKIIA
SDIISSGVEIIK
;
_entity_poly.pdbx_strand_id   A,B
#
# COMPACT_ATOMS: atom_id res chain seq x y z
N GLY A 1 45.44 1.86 -20.03
CA GLY A 1 46.42 2.92 -20.25
C GLY A 1 47.70 2.67 -19.46
N SER A 2 48.63 3.64 -19.48
CA SER A 2 49.94 3.45 -18.84
C SER A 2 50.00 3.81 -17.35
N THR A 3 50.59 2.92 -16.56
CA THR A 3 50.66 3.04 -15.10
C THR A 3 52.09 2.92 -14.56
N GLY A 4 52.47 3.84 -13.67
CA GLY A 4 53.75 3.78 -12.98
C GLY A 4 54.00 2.49 -12.21
N SER A 5 55.27 2.19 -11.96
CA SER A 5 55.64 0.91 -11.36
C SER A 5 55.00 0.66 -9.99
N MET A 6 54.81 1.71 -9.19
CA MET A 6 54.34 1.54 -7.83
C MET A 6 52.85 1.85 -7.64
N VAL A 7 52.09 1.72 -8.72
CA VAL A 7 50.66 1.98 -8.67
C VAL A 7 49.88 0.77 -9.19
N LYS A 8 48.84 0.38 -8.44
CA LYS A 8 48.04 -0.79 -8.80
C LYS A 8 46.64 -0.35 -9.16
N SER A 9 46.24 -0.58 -10.40
CA SER A 9 44.90 -0.17 -10.80
C SER A 9 44.15 -1.35 -11.32
N GLY A 10 42.83 -1.22 -11.34
CA GLY A 10 41.94 -2.27 -11.80
C GLY A 10 40.63 -1.63 -12.16
N LYS A 11 39.95 -2.21 -13.14
CA LYS A 11 38.73 -1.58 -13.59
C LYS A 11 37.74 -2.66 -13.90
N ALA A 12 36.53 -2.47 -13.41
CA ALA A 12 35.52 -3.50 -13.57
C ALA A 12 34.19 -2.93 -14.04
N ARG A 13 33.41 -3.77 -14.70
CA ARG A 13 32.07 -3.40 -15.11
C ARG A 13 31.12 -4.38 -14.46
N ALA A 14 30.18 -3.86 -13.67
CA ALA A 14 29.16 -4.70 -13.05
C ALA A 14 27.77 -4.20 -13.44
N HIS A 15 26.84 -5.13 -13.64
CA HIS A 15 25.51 -4.81 -14.12
C HIS A 15 24.49 -4.71 -12.99
N THR A 16 23.47 -3.88 -13.18
CA THR A 16 22.46 -3.72 -12.14
C THR A 16 21.63 -4.99 -12.06
N ASN A 17 21.00 -5.24 -10.93
CA ASN A 17 20.03 -6.34 -10.86
C ASN A 17 18.72 -5.88 -10.24
N ILE A 18 17.62 -6.50 -10.65
CA ILE A 18 16.33 -6.26 -10.03
C ILE A 18 15.84 -7.48 -9.25
N ALA A 19 15.44 -7.24 -8.00
CA ALA A 19 14.91 -8.29 -7.14
C ALA A 19 13.53 -8.73 -7.63
N LEU A 20 13.37 -10.03 -7.84
CA LEU A 20 12.06 -10.63 -8.06
C LEU A 20 11.47 -11.10 -6.74
N ILE A 21 12.30 -11.68 -5.89
CA ILE A 21 11.92 -11.85 -4.49
C ILE A 21 12.73 -10.83 -3.69
N LYS A 22 12.03 -9.95 -2.97
CA LYS A 22 12.63 -8.75 -2.37
C LYS A 22 13.44 -8.95 -1.09
N TYR A 23 14.58 -8.27 -1.04
CA TYR A 23 15.31 -8.04 0.19
C TYR A 23 14.69 -6.80 0.81
N TRP A 24 14.29 -6.88 2.07
CA TRP A 24 13.58 -5.75 2.67
C TRP A 24 13.65 -5.87 4.16
N GLY A 25 14.54 -5.09 4.76
CA GLY A 25 14.77 -5.18 6.19
C GLY A 25 16.02 -5.99 6.54
N LYS A 26 16.84 -5.44 7.43
CA LYS A 26 18.10 -6.07 7.82
C LYS A 26 18.02 -6.69 9.19
N ALA A 27 18.61 -7.87 9.33
CA ALA A 27 18.89 -8.42 10.66
C ALA A 27 20.02 -7.64 11.33
N ASP A 28 21.03 -7.24 10.55
CA ASP A 28 22.21 -6.60 11.10
C ASP A 28 22.57 -5.40 10.26
N GLU A 29 22.35 -4.20 10.80
CA GLU A 29 22.48 -2.98 10.02
C GLU A 29 23.94 -2.65 9.72
N THR A 30 24.84 -3.00 10.62
CA THR A 30 26.25 -2.64 10.40
C THR A 30 26.95 -3.52 9.35
N TYR A 31 26.71 -4.84 9.38
CA TYR A 31 27.32 -5.72 8.38
C TYR A 31 26.43 -6.02 7.19
N ILE A 32 25.24 -5.42 7.17
CA ILE A 32 24.24 -5.67 6.13
C ILE A 32 23.91 -7.15 5.95
N ILE A 33 23.27 -7.71 6.97
CA ILE A 33 22.77 -9.07 6.90
C ILE A 33 21.24 -8.95 6.83
N PRO A 34 20.60 -9.57 5.82
CA PRO A 34 19.18 -9.36 5.55
C PRO A 34 18.29 -10.24 6.41
N MET A 35 17.03 -9.84 6.58
CA MET A 35 16.09 -10.66 7.35
C MET A 35 15.62 -11.88 6.56
N ASN A 36 15.93 -11.92 5.26
CA ASN A 36 15.47 -13.04 4.41
C ASN A 36 16.27 -13.11 3.11
N ASN A 37 16.16 -14.23 2.41
CA ASN A 37 16.88 -14.41 1.16
C ASN A 37 16.21 -13.58 0.08
N SER A 38 16.93 -13.34 -1.00
CA SER A 38 16.31 -12.65 -2.11
C SER A 38 16.71 -13.33 -3.40
N LEU A 39 15.98 -13.04 -4.46
CA LEU A 39 16.31 -13.58 -5.76
C LEU A 39 16.15 -12.49 -6.83
N SER A 40 17.09 -12.43 -7.77
CA SER A 40 17.13 -11.33 -8.74
C SER A 40 17.53 -11.75 -10.15
N VAL A 41 17.35 -10.83 -11.10
CA VAL A 41 17.87 -11.03 -12.44
C VAL A 41 18.80 -9.87 -12.76
N THR A 42 19.90 -10.17 -13.44
CA THR A 42 20.88 -9.14 -13.78
C THR A 42 20.67 -8.62 -15.19
N LEU A 43 20.56 -7.29 -15.29
CA LEU A 43 20.11 -6.62 -16.51
C LEU A 43 21.28 -6.31 -17.44
N ASP A 44 21.10 -6.62 -18.71
CA ASP A 44 22.14 -6.41 -19.69
C ASP A 44 22.42 -4.93 -20.02
N ARG A 45 21.38 -4.10 -19.94
CA ARG A 45 21.48 -2.74 -20.47
C ARG A 45 22.14 -1.74 -19.52
N PHE A 46 22.05 -1.97 -18.21
CA PHE A 46 22.44 -0.99 -17.22
C PHE A 46 23.55 -1.52 -16.34
N TYR A 47 24.58 -0.69 -16.15
CA TYR A 47 25.77 -1.13 -15.47
C TYR A 47 26.59 0.07 -15.06
N THR A 48 27.55 -0.19 -14.20
CA THR A 48 28.51 0.79 -13.74
C THR A 48 29.91 0.32 -14.11
N GLU A 49 30.75 1.24 -14.56
CA GLU A 49 32.16 0.94 -14.77
C GLU A 49 32.99 1.71 -13.76
N THR A 50 33.83 1.01 -13.02
CA THR A 50 34.56 1.67 -11.95
C THR A 50 36.03 1.31 -12.01
N LYS A 51 36.87 2.32 -12.06
CA LYS A 51 38.30 2.13 -12.06
C LYS A 51 38.85 2.57 -10.73
N VAL A 52 39.83 1.82 -10.24
CA VAL A 52 40.45 2.16 -8.99
C VAL A 52 41.95 2.11 -9.14
N THR A 53 42.62 3.12 -8.60
CA THR A 53 44.05 3.28 -8.72
C THR A 53 44.67 3.52 -7.34
N PHE A 54 45.40 2.53 -6.83
CA PHE A 54 46.08 2.65 -5.55
C PHE A 54 47.49 3.25 -5.73
N ASP A 55 47.78 4.29 -4.95
CA ASP A 55 49.07 4.99 -4.97
C ASP A 55 49.52 5.28 -3.55
N PRO A 56 50.73 4.81 -3.18
CA PRO A 56 51.35 5.04 -1.88
C PRO A 56 51.47 6.53 -1.55
N ASP A 57 51.54 7.36 -2.59
CA ASP A 57 51.58 8.81 -2.40
C ASP A 57 50.24 9.33 -1.90
N PHE A 58 49.16 8.74 -2.39
CA PHE A 58 47.81 9.19 -2.05
C PHE A 58 47.60 9.25 -0.53
N THR A 59 47.08 10.37 -0.06
CA THR A 59 46.91 10.61 1.36
C THR A 59 45.53 10.15 1.87
N GLU A 60 44.56 10.21 0.98
CA GLU A 60 43.20 9.79 1.30
C GLU A 60 42.53 9.31 0.03
N ASP A 61 41.38 8.67 0.17
CA ASP A 61 40.64 8.19 -0.99
C ASP A 61 39.89 9.29 -1.72
N CYS A 62 39.95 9.23 -3.05
CA CYS A 62 39.31 10.22 -3.92
C CYS A 62 38.25 9.49 -4.75
N LEU A 63 37.07 10.11 -4.92
CA LEU A 63 36.00 9.51 -5.73
C LEU A 63 35.54 10.46 -6.82
N ILE A 64 35.64 10.03 -8.08
CA ILE A 64 35.17 10.84 -9.20
C ILE A 64 34.01 10.13 -9.90
N LEU A 65 32.86 10.78 -9.94
CA LEU A 65 31.65 10.13 -10.42
C LEU A 65 31.13 10.81 -11.68
N ASN A 66 31.06 10.05 -12.77
CA ASN A 66 30.63 10.60 -14.05
C ASN A 66 31.34 11.91 -14.34
N GLY A 67 32.64 11.93 -14.08
CA GLY A 67 33.47 13.06 -14.43
C GLY A 67 33.57 14.16 -13.39
N ASN A 68 32.82 14.04 -12.30
CA ASN A 68 32.80 15.11 -11.30
C ASN A 68 33.11 14.67 -9.87
N GLU A 69 33.79 15.54 -9.13
CA GLU A 69 34.05 15.35 -7.71
C GLU A 69 32.75 15.08 -6.97
N VAL A 70 32.81 14.20 -5.99
CA VAL A 70 31.69 13.97 -5.08
C VAL A 70 31.87 14.92 -3.89
N ASN A 71 30.80 15.20 -3.16
CA ASN A 71 30.93 16.07 -1.99
C ASN A 71 31.59 15.38 -0.80
N ALA A 72 31.84 16.14 0.26
CA ALA A 72 32.55 15.61 1.42
C ALA A 72 31.78 14.49 2.11
N LYS A 73 30.46 14.55 2.08
CA LYS A 73 29.64 13.51 2.71
C LYS A 73 29.88 12.17 2.04
N GLU A 74 29.66 12.11 0.74
CA GLU A 74 29.84 10.86 0.00
C GLU A 74 31.33 10.47 0.00
N LYS A 75 32.19 11.49 0.00
CA LYS A 75 33.63 11.29 0.20
C LYS A 75 33.91 10.54 1.51
N GLU A 76 33.37 11.03 2.61
CA GLU A 76 33.51 10.37 3.90
C GLU A 76 32.95 8.94 3.84
N LYS A 77 31.78 8.79 3.24
CA LYS A 77 31.18 7.46 3.06
C LYS A 77 32.14 6.50 2.37
N ILE A 78 32.73 6.94 1.27
CA ILE A 78 33.55 6.05 0.45
C ILE A 78 34.87 5.72 1.13
N GLN A 79 35.34 6.62 1.98
CA GLN A 79 36.58 6.33 2.68
C GLN A 79 36.38 5.23 3.73
N ASN A 80 35.23 5.23 4.39
CA ASN A 80 34.93 4.18 5.35
C ASN A 80 34.78 2.82 4.67
N TYR A 81 34.22 2.79 3.47
CA TYR A 81 34.12 1.53 2.74
C TYR A 81 35.50 1.02 2.34
N MET A 82 36.36 1.91 1.87
CA MET A 82 37.68 1.51 1.40
C MET A 82 38.55 0.99 2.54
N ASN A 83 38.24 1.40 3.76
CA ASN A 83 38.90 0.86 4.94
C ASN A 83 38.70 -0.63 5.05
N ILE A 84 37.50 -1.08 4.72
CA ILE A 84 37.18 -2.48 4.70
C ILE A 84 38.11 -3.19 3.73
N VAL A 85 38.26 -2.60 2.55
CA VAL A 85 39.14 -3.12 1.54
C VAL A 85 40.58 -3.19 2.08
N ARG A 86 41.04 -2.10 2.67
CA ARG A 86 42.38 -2.04 3.24
C ARG A 86 42.57 -3.14 4.28
N ASP A 87 41.58 -3.28 5.15
CA ASP A 87 41.67 -4.31 6.18
C ASP A 87 41.78 -5.67 5.52
N LEU A 88 40.90 -5.93 4.55
CA LEU A 88 40.94 -7.21 3.84
C LEU A 88 42.27 -7.49 3.17
N ALA A 89 42.79 -6.49 2.46
CA ALA A 89 43.98 -6.69 1.64
C ALA A 89 45.25 -6.58 2.46
N GLY A 90 45.10 -6.17 3.71
CA GLY A 90 46.22 -5.99 4.61
C GLY A 90 47.20 -4.91 4.19
N ASN A 91 46.69 -3.79 3.68
CA ASN A 91 47.57 -2.68 3.36
C ASN A 91 46.99 -1.40 3.89
N ARG A 92 47.66 -0.28 3.62
CA ARG A 92 47.17 1.01 4.06
C ARG A 92 47.11 1.99 2.89
N LEU A 93 47.07 1.44 1.68
CA LEU A 93 46.99 2.23 0.47
C LEU A 93 45.64 2.90 0.26
N HIS A 94 45.66 4.13 -0.23
CA HIS A 94 44.44 4.82 -0.60
C HIS A 94 44.30 4.79 -2.10
N ALA A 95 43.10 5.09 -2.59
CA ALA A 95 42.88 4.98 -4.02
C ALA A 95 42.09 6.14 -4.60
N ARG A 96 42.32 6.38 -5.87
CA ARG A 96 41.48 7.26 -6.65
C ARG A 96 40.45 6.42 -7.41
N ILE A 97 39.18 6.69 -7.16
CA ILE A 97 38.09 5.93 -7.75
C ILE A 97 37.43 6.78 -8.82
N GLU A 98 37.47 6.28 -10.04
CA GLU A 98 36.81 6.94 -11.15
C GLU A 98 35.68 6.02 -11.58
N SER A 99 34.44 6.43 -11.31
CA SER A 99 33.30 5.61 -11.66
C SER A 99 32.37 6.28 -12.66
N GLU A 100 31.77 5.49 -13.52
CA GLU A 100 30.78 5.99 -14.47
C GLU A 100 29.55 5.12 -14.39
N ASN A 101 28.43 5.73 -13.98
CA ASN A 101 27.16 5.02 -13.91
C ASN A 101 26.45 5.04 -15.26
N TYR A 102 26.32 3.89 -15.89
CA TYR A 102 25.47 3.78 -17.07
C TYR A 102 24.12 3.19 -16.68
N VAL A 103 23.44 3.91 -15.79
CA VAL A 103 22.15 3.52 -15.22
C VAL A 103 21.26 4.77 -15.21
N PRO A 104 19.99 4.65 -15.64
CA PRO A 104 19.08 5.81 -15.63
C PRO A 104 18.76 6.29 -14.21
N THR A 105 19.76 6.90 -13.56
CA THR A 105 19.61 7.32 -12.19
C THR A 105 18.64 8.49 -12.04
N ALA A 106 18.78 9.49 -12.91
CA ALA A 106 17.85 10.61 -12.92
C ALA A 106 16.42 10.08 -13.09
N ALA A 107 16.26 9.10 -13.96
CA ALA A 107 14.97 8.41 -14.13
C ALA A 107 14.54 7.58 -12.91
N GLY A 108 15.36 7.56 -11.86
CA GLY A 108 15.04 6.83 -10.66
C GLY A 108 15.59 5.42 -10.49
N LEU A 109 16.20 4.82 -11.52
CA LEU A 109 16.75 3.49 -11.33
C LEU A 109 17.91 3.57 -10.35
N ALA A 110 18.10 2.53 -9.56
CA ALA A 110 19.12 2.48 -8.51
C ALA A 110 20.48 2.13 -9.11
N SER A 111 21.53 2.72 -8.55
CA SER A 111 22.87 2.46 -9.05
C SER A 111 23.64 1.68 -8.00
N SER A 112 23.04 1.53 -6.83
CA SER A 112 23.77 1.02 -5.69
C SER A 112 24.32 -0.41 -5.88
N ALA A 113 23.58 -1.26 -6.59
CA ALA A 113 23.97 -2.66 -6.72
C ALA A 113 25.16 -2.80 -7.65
N SER A 114 25.11 -2.15 -8.81
CA SER A 114 26.22 -2.21 -9.75
C SER A 114 27.42 -1.42 -9.24
N ALA A 115 27.17 -0.29 -8.59
CA ALA A 115 28.28 0.52 -8.12
C ALA A 115 29.15 -0.28 -7.15
N TYR A 116 28.52 -0.92 -6.18
CA TYR A 116 29.32 -1.60 -5.17
C TYR A 116 29.95 -2.89 -5.68
N ALA A 117 29.27 -3.59 -6.58
CA ALA A 117 29.84 -4.77 -7.19
C ALA A 117 31.05 -4.37 -8.04
N ALA A 118 30.90 -3.28 -8.79
CA ALA A 118 32.00 -2.83 -9.64
C ALA A 118 33.22 -2.47 -8.79
N LEU A 119 33.01 -1.69 -7.74
CA LEU A 119 34.07 -1.30 -6.82
C LEU A 119 34.79 -2.51 -6.22
N ALA A 120 34.02 -3.49 -5.75
CA ALA A 120 34.59 -4.68 -5.14
C ALA A 120 35.46 -5.44 -6.11
N ALA A 121 34.91 -5.73 -7.27
CA ALA A 121 35.63 -6.41 -8.31
C ALA A 121 36.88 -5.61 -8.74
N ALA A 122 36.72 -4.30 -8.88
CA ALA A 122 37.82 -3.46 -9.34
C ALA A 122 38.99 -3.54 -8.36
N CYS A 123 38.67 -3.44 -7.08
CA CYS A 123 39.70 -3.57 -6.06
C CYS A 123 40.34 -4.95 -6.09
N ASN A 124 39.54 -5.99 -6.29
CA ASN A 124 40.10 -7.33 -6.27
C ASN A 124 41.10 -7.47 -7.40
N GLU A 125 40.82 -6.77 -8.49
CA GLU A 125 41.68 -6.82 -9.66
C GLU A 125 42.94 -5.99 -9.43
N ALA A 126 42.77 -4.80 -8.83
CA ALA A 126 43.90 -3.90 -8.58
C ALA A 126 44.93 -4.52 -7.65
N LEU A 127 44.45 -5.13 -6.57
CA LEU A 127 45.32 -5.60 -5.50
C LEU A 127 45.68 -7.06 -5.61
N SER A 128 45.15 -7.73 -6.63
CA SER A 128 45.38 -9.15 -6.83
C SER A 128 44.96 -9.95 -5.61
N LEU A 129 43.75 -9.72 -5.10
CA LEU A 129 43.33 -10.40 -3.88
C LEU A 129 42.88 -11.83 -4.13
N ASN A 130 42.73 -12.19 -5.39
CA ASN A 130 42.23 -13.51 -5.79
C ASN A 130 40.98 -13.95 -5.05
N LEU A 131 40.09 -13.00 -4.79
CA LEU A 131 38.86 -13.30 -4.08
C LEU A 131 37.94 -14.24 -4.87
N SER A 132 37.37 -15.22 -4.18
CA SER A 132 36.40 -16.10 -4.81
C SER A 132 35.16 -15.26 -5.13
N ASP A 133 34.31 -15.74 -6.02
CA ASP A 133 33.04 -15.07 -6.24
C ASP A 133 32.30 -14.87 -4.93
N THR A 134 32.26 -15.91 -4.10
CA THR A 134 31.65 -15.83 -2.80
C THR A 134 32.17 -14.65 -1.99
N ASP A 135 33.49 -14.49 -1.99
CA ASP A 135 34.08 -13.43 -1.21
C ASP A 135 33.92 -12.04 -1.88
N LEU A 136 33.78 -12.01 -3.21
CA LEU A 136 33.49 -10.77 -3.91
C LEU A 136 32.09 -10.31 -3.53
N SER A 137 31.16 -11.27 -3.47
CA SER A 137 29.78 -10.99 -3.10
C SER A 137 29.76 -10.44 -1.67
N ARG A 138 30.43 -11.12 -0.75
CA ARG A 138 30.52 -10.64 0.63
C ARG A 138 31.09 -9.21 0.73
N LEU A 139 32.12 -8.91 -0.04
CA LEU A 139 32.67 -7.55 -0.02
C LEU A 139 31.68 -6.50 -0.57
N ALA A 140 31.07 -6.80 -1.70
CA ALA A 140 30.05 -5.91 -2.25
C ALA A 140 28.87 -5.70 -1.27
N ARG A 141 28.53 -6.75 -0.54
CA ARG A 141 27.43 -6.70 0.42
C ARG A 141 27.66 -5.66 1.51
N ARG A 142 28.89 -5.56 1.99
CA ARG A 142 29.21 -4.58 3.04
C ARG A 142 28.88 -3.16 2.58
N GLY A 143 28.84 -2.94 1.27
CA GLY A 143 28.57 -1.61 0.74
C GLY A 143 27.08 -1.37 0.53
N SER A 144 26.41 -2.35 -0.10
CA SER A 144 24.96 -2.33 -0.27
C SER A 144 24.46 -3.74 -0.49
N GLY A 145 23.40 -4.14 0.20
CA GLY A 145 22.90 -5.51 0.15
C GLY A 145 22.65 -6.06 -1.25
N SER A 146 21.84 -5.36 -2.02
CA SER A 146 21.59 -5.70 -3.42
C SER A 146 22.87 -5.85 -4.26
N ALA A 147 23.98 -5.25 -3.82
CA ALA A 147 25.21 -5.35 -4.60
C ALA A 147 25.76 -6.76 -4.60
N SER A 148 25.38 -7.54 -3.58
CA SER A 148 25.95 -8.88 -3.44
C SER A 148 25.56 -9.72 -4.65
N ARG A 149 24.43 -9.40 -5.25
CA ARG A 149 23.89 -10.22 -6.34
C ARG A 149 24.42 -9.82 -7.71
N SER A 150 24.85 -8.57 -7.85
CA SER A 150 25.40 -8.07 -9.11
C SER A 150 26.78 -8.63 -9.49
N ILE A 151 27.34 -9.47 -8.63
CA ILE A 151 28.55 -10.19 -9.01
C ILE A 151 28.22 -11.18 -10.12
N PHE A 152 26.94 -11.59 -10.18
CA PHE A 152 26.53 -12.73 -10.99
C PHE A 152 25.59 -12.30 -12.09
N GLY A 153 25.52 -13.11 -13.15
CA GLY A 153 24.62 -12.88 -14.27
C GLY A 153 23.32 -13.67 -14.12
N GLY A 154 22.41 -13.55 -15.07
CA GLY A 154 21.14 -14.27 -15.03
C GLY A 154 20.41 -14.19 -13.70
N PHE A 155 19.89 -15.32 -13.24
CA PHE A 155 19.25 -15.44 -11.93
C PHE A 155 20.29 -15.60 -10.85
N ALA A 156 20.09 -14.93 -9.72
CA ALA A 156 21.01 -15.00 -8.60
C ALA A 156 20.26 -14.94 -7.27
N GLU A 157 20.75 -15.65 -6.27
CA GLU A 157 20.10 -15.64 -4.97
C GLU A 157 21.07 -15.22 -3.86
N TRP A 158 20.56 -14.36 -2.98
CA TRP A 158 21.33 -13.93 -1.85
C TRP A 158 20.85 -14.79 -0.69
N GLU A 159 21.74 -15.66 -0.25
CA GLU A 159 21.49 -16.45 0.93
C GLU A 159 21.81 -15.57 2.13
N LYS A 160 20.88 -15.48 3.05
CA LYS A 160 20.96 -14.49 4.12
C LYS A 160 22.03 -14.79 5.17
N GLY A 161 22.24 -16.07 5.45
CA GLY A 161 23.23 -16.49 6.43
C GLY A 161 22.92 -15.90 7.79
N HIS A 162 23.91 -15.91 8.68
CA HIS A 162 23.73 -15.40 10.04
C HIS A 162 24.88 -14.47 10.46
N ASP A 163 25.86 -14.29 9.59
CA ASP A 163 27.00 -13.43 9.91
C ASP A 163 27.78 -13.00 8.65
N ASP A 164 28.86 -12.24 8.86
CA ASP A 164 29.60 -11.67 7.73
C ASP A 164 30.12 -12.74 6.78
N LEU A 165 30.46 -13.90 7.33
CA LEU A 165 31.05 -14.99 6.54
C LEU A 165 30.02 -15.76 5.74
N THR A 166 28.79 -15.83 6.26
CA THR A 166 27.75 -16.69 5.69
C THR A 166 26.75 -15.94 4.81
N SER A 167 26.76 -14.62 4.84
CA SER A 167 25.78 -13.85 4.09
C SER A 167 26.35 -13.37 2.75
N TYR A 168 25.92 -14.02 1.67
CA TYR A 168 26.40 -13.72 0.33
C TYR A 168 25.49 -14.36 -0.73
N ALA A 169 25.69 -14.01 -1.99
CA ALA A 169 24.84 -14.53 -3.07
C ALA A 169 25.56 -15.58 -3.92
N HIS A 170 24.80 -16.29 -4.77
CA HIS A 170 25.41 -17.13 -5.78
C HIS A 170 24.58 -17.04 -7.05
N GLY A 171 25.18 -17.38 -8.18
CA GLY A 171 24.43 -17.47 -9.41
C GLY A 171 23.69 -18.80 -9.52
N ILE A 172 22.47 -18.75 -10.05
CA ILE A 172 21.64 -19.92 -10.25
C ILE A 172 21.67 -20.29 -11.73
N ASN A 173 22.11 -21.51 -12.02
CA ASN A 173 22.09 -21.99 -13.40
C ASN A 173 20.63 -22.20 -13.81
N SER A 174 20.23 -21.55 -14.89
CA SER A 174 18.84 -21.63 -15.33
C SER A 174 18.69 -22.39 -16.65
N ASN A 175 19.72 -23.15 -17.03
CA ASN A 175 19.76 -23.80 -18.33
C ASN A 175 19.52 -22.79 -19.45
N GLY A 176 20.02 -21.57 -19.23
CA GLY A 176 19.95 -20.55 -20.27
C GLY A 176 18.61 -19.86 -20.41
N TRP A 177 17.70 -20.10 -19.47
CA TRP A 177 16.39 -19.48 -19.54
C TRP A 177 16.50 -17.96 -19.51
N GLU A 178 17.49 -17.45 -18.77
CA GLU A 178 17.64 -15.99 -18.65
C GLU A 178 17.71 -15.35 -20.04
N LYS A 179 18.11 -16.15 -21.03
CA LYS A 179 18.27 -15.65 -22.39
C LYS A 179 16.95 -15.42 -23.11
N ASP A 180 15.87 -15.97 -22.56
CA ASP A 180 14.53 -15.84 -23.14
C ASP A 180 13.72 -14.72 -22.50
N LEU A 181 14.30 -14.08 -21.49
CA LEU A 181 13.55 -13.12 -20.69
C LEU A 181 14.03 -11.69 -20.86
N SER A 182 13.14 -10.77 -20.56
CA SER A 182 13.43 -9.34 -20.62
C SER A 182 12.68 -8.61 -19.50
N MET A 183 13.03 -7.35 -19.32
CA MET A 183 12.36 -6.55 -18.32
C MET A 183 12.14 -5.17 -18.89
N ILE A 184 10.91 -4.69 -18.77
CA ILE A 184 10.56 -3.39 -19.28
C ILE A 184 10.39 -2.44 -18.12
N PHE A 185 10.97 -1.25 -18.27
CA PHE A 185 10.97 -0.25 -17.22
C PHE A 185 10.02 0.88 -17.59
N VAL A 186 8.96 1.03 -16.80
CA VAL A 186 8.11 2.18 -16.95
C VAL A 186 8.55 3.24 -15.96
N VAL A 187 9.04 4.35 -16.49
CA VAL A 187 9.61 5.41 -15.69
C VAL A 187 8.51 6.38 -15.25
N ILE A 188 8.41 6.61 -13.94
CA ILE A 188 7.35 7.47 -13.44
C ILE A 188 7.86 8.67 -12.64
N LYS A 193 10.85 13.89 -2.66
CA LYS A 193 12.14 13.35 -2.22
C LYS A 193 11.95 11.94 -1.66
N LYS A 194 12.55 10.95 -2.32
CA LYS A 194 12.45 9.51 -1.99
C LYS A 194 12.93 9.25 -0.59
N VAL A 195 12.25 8.33 0.12
CA VAL A 195 12.81 7.79 1.35
C VAL A 195 13.79 6.84 0.78
N SER A 196 15.03 6.93 1.22
CA SER A 196 16.04 5.95 0.82
C SER A 196 15.55 4.50 1.06
N ALA A 197 16.02 3.54 0.25
CA ALA A 197 15.75 2.12 0.50
C ALA A 197 16.22 1.68 1.88
N ARG A 198 17.46 2.02 2.22
CA ARG A 198 18.06 1.65 3.50
C ARG A 198 17.20 2.17 4.64
N SER A 199 16.87 3.45 4.55
CA SER A 199 16.10 4.16 5.57
C SER A 199 14.69 3.62 5.65
N GLY A 200 14.08 3.44 4.48
CA GLY A 200 12.71 2.93 4.39
C GLY A 200 12.57 1.52 4.94
N MET A 201 13.45 0.61 4.51
CA MET A 201 13.36 -0.78 4.96
C MET A 201 13.59 -0.86 6.46
N SER A 202 14.42 0.04 6.99
CA SER A 202 14.68 0.06 8.42
C SER A 202 13.44 0.46 9.24
N LEU A 203 12.70 1.48 8.79
CA LEU A 203 11.51 1.92 9.53
C LEU A 203 10.43 0.81 9.50
N THR A 204 10.23 0.23 8.33
CA THR A 204 9.26 -0.86 8.18
C THR A 204 9.70 -2.07 9.01
N ARG A 205 10.95 -2.47 8.84
CA ARG A 205 11.47 -3.62 9.56
C ARG A 205 11.33 -3.45 11.05
N ASP A 206 11.65 -2.27 11.56
CA ASP A 206 11.58 -2.02 12.99
C ASP A 206 10.16 -1.83 13.54
N THR A 207 9.27 -1.27 12.73
CA THR A 207 7.99 -0.80 13.28
C THR A 207 6.75 -1.39 12.61
N SER A 208 6.90 -1.94 11.43
CA SER A 208 5.70 -2.25 10.65
C SER A 208 4.84 -3.29 11.29
N ARG A 209 3.57 -2.97 11.36
CA ARG A 209 2.59 -3.89 11.91
C ARG A 209 2.39 -5.10 11.01
N PHE A 210 2.81 -5.00 9.75
CA PHE A 210 2.58 -6.11 8.83
C PHE A 210 3.88 -6.83 8.49
N TYR A 211 4.95 -6.51 9.20
CA TYR A 211 6.23 -7.09 8.85
C TYR A 211 6.23 -8.60 9.08
N GLN A 212 5.78 -9.07 10.24
CA GLN A 212 5.67 -10.51 10.49
C GLN A 212 5.01 -11.22 9.31
N TYR A 213 3.89 -10.67 8.85
CA TYR A 213 3.19 -11.24 7.69
C TYR A 213 4.14 -11.46 6.51
N TRP A 214 4.94 -10.44 6.21
CA TRP A 214 5.99 -10.59 5.19
C TRP A 214 6.90 -11.77 5.51
N LEU A 215 7.40 -11.83 6.74
CA LEU A 215 8.33 -12.88 7.10
C LEU A 215 7.70 -14.27 6.98
N ASP A 216 6.40 -14.38 7.20
CA ASP A 216 5.73 -15.68 7.22
C ASP A 216 5.52 -16.25 5.81
N HIS A 217 5.77 -15.46 4.77
CA HIS A 217 5.49 -15.94 3.41
C HIS A 217 6.68 -15.88 2.51
N VAL A 218 7.75 -15.24 2.96
CA VAL A 218 8.86 -15.00 2.04
C VAL A 218 9.52 -16.31 1.59
N ASP A 219 9.78 -17.22 2.53
CA ASP A 219 10.42 -18.49 2.15
C ASP A 219 9.59 -19.31 1.15
N GLU A 220 8.28 -19.37 1.37
CA GLU A 220 7.39 -20.09 0.46
C GLU A 220 7.47 -19.48 -0.93
N ASP A 221 7.36 -18.15 -1.00
CA ASP A 221 7.48 -17.43 -2.26
C ASP A 221 8.77 -17.82 -2.96
N LEU A 222 9.86 -17.77 -2.21
CA LEU A 222 11.19 -18.05 -2.73
C LEU A 222 11.31 -19.47 -3.29
N ASN A 223 10.82 -20.45 -2.55
CA ASN A 223 10.82 -21.83 -3.04
C ASN A 223 9.97 -21.99 -4.29
N GLU A 224 8.82 -21.33 -4.32
CA GLU A 224 7.94 -21.40 -5.47
C GLU A 224 8.63 -20.81 -6.68
N ALA A 225 9.26 -19.67 -6.48
CA ALA A 225 10.00 -19.02 -7.55
C ALA A 225 11.13 -19.91 -8.05
N LYS A 226 11.97 -20.40 -7.14
CA LYS A 226 13.10 -21.26 -7.53
C LYS A 226 12.61 -22.50 -8.26
N GLU A 227 11.53 -23.09 -7.80
CA GLU A 227 10.95 -24.24 -8.49
C GLU A 227 10.44 -23.79 -9.87
N ALA A 228 9.91 -22.57 -9.94
CA ALA A 228 9.46 -22.04 -11.21
C ALA A 228 10.63 -21.94 -12.19
N VAL A 229 11.78 -21.52 -11.67
CA VAL A 229 12.93 -21.35 -12.52
C VAL A 229 13.44 -22.70 -13.03
N LYS A 230 13.62 -23.67 -12.13
CA LYS A 230 14.04 -25.02 -12.52
C LYS A 230 13.17 -25.58 -13.65
N ASN A 231 11.90 -25.17 -13.67
CA ASN A 231 10.92 -25.67 -14.63
C ASN A 231 10.82 -24.80 -15.86
N GLN A 232 11.43 -23.62 -15.82
CA GLN A 232 11.26 -22.62 -16.86
C GLN A 232 9.78 -22.33 -17.10
N ASP A 233 9.03 -22.22 -16.01
CA ASP A 233 7.60 -21.92 -16.09
C ASP A 233 7.36 -20.43 -15.80
N PHE A 234 7.22 -19.65 -16.87
CA PHE A 234 7.07 -18.20 -16.76
C PHE A 234 5.84 -17.75 -15.97
N GLN A 235 4.69 -18.39 -16.21
CA GLN A 235 3.50 -18.06 -15.45
C GLN A 235 3.69 -18.27 -13.95
N ARG A 236 4.24 -19.42 -13.59
CA ARG A 236 4.40 -19.76 -12.19
C ARG A 236 5.37 -18.80 -11.50
N LEU A 237 6.46 -18.45 -12.19
CA LEU A 237 7.41 -17.51 -11.63
C LEU A 237 6.78 -16.13 -11.51
N GLY A 238 6.06 -15.73 -12.54
CA GLY A 238 5.51 -14.39 -12.64
C GLY A 238 4.47 -14.08 -11.59
N GLU A 239 3.68 -15.08 -11.23
CA GLU A 239 2.58 -14.89 -10.30
C GLU A 239 3.11 -14.73 -8.89
N VAL A 240 4.02 -15.60 -8.50
CA VAL A 240 4.59 -15.53 -7.17
C VAL A 240 5.42 -14.25 -7.02
N ILE A 241 6.18 -13.87 -8.03
CA ILE A 241 7.02 -12.70 -7.84
C ILE A 241 6.17 -11.43 -7.76
N GLU A 242 5.13 -11.38 -8.58
CA GLU A 242 4.25 -10.23 -8.53
C GLU A 242 3.65 -10.07 -7.16
N ALA A 243 3.24 -11.18 -6.57
CA ALA A 243 2.62 -11.17 -5.25
C ALA A 243 3.63 -10.80 -4.18
N ASN A 244 4.84 -11.30 -4.33
CA ASN A 244 5.88 -11.00 -3.38
C ASN A 244 6.17 -9.51 -3.34
N GLY A 245 6.36 -8.93 -4.53
CA GLY A 245 6.61 -7.52 -4.66
C GLY A 245 5.52 -6.71 -4.02
N LEU A 246 4.27 -7.09 -4.28
CA LEU A 246 3.16 -6.37 -3.68
C LEU A 246 3.16 -6.50 -2.16
N ARG A 247 3.51 -7.66 -1.64
CA ARG A 247 3.53 -7.83 -0.18
C ARG A 247 4.59 -6.93 0.48
N MET A 248 5.73 -6.78 -0.18
CA MET A 248 6.77 -5.88 0.33
C MET A 248 6.24 -4.47 0.49
N HIS A 249 5.54 -3.98 -0.52
CA HIS A 249 4.99 -2.63 -0.41
C HIS A 249 3.91 -2.57 0.64
N ALA A 250 3.15 -3.66 0.79
CA ALA A 250 2.19 -3.74 1.89
C ALA A 250 2.83 -3.47 3.24
N THR A 251 4.03 -4.01 3.46
CA THR A 251 4.65 -3.86 4.76
C THR A 251 4.81 -2.37 5.03
N ASN A 252 5.10 -1.59 4.00
CA ASN A 252 5.38 -0.18 4.21
C ASN A 252 4.13 0.52 4.71
N LEU A 253 2.98 0.04 4.26
CA LEU A 253 1.72 0.59 4.69
C LEU A 253 1.53 0.36 6.20
N GLY A 254 2.08 -0.73 6.72
CA GLY A 254 1.92 -1.04 8.15
C GLY A 254 2.91 -0.34 9.05
N ALA A 255 3.86 0.41 8.49
CA ALA A 255 4.92 1.08 9.27
C ALA A 255 4.37 2.17 10.18
N GLN A 256 5.21 2.62 11.11
CA GLN A 256 4.80 3.61 12.10
C GLN A 256 5.62 4.90 11.96
N PRO A 257 5.07 5.90 11.23
CA PRO A 257 3.78 5.94 10.55
C PRO A 257 3.92 5.41 9.13
N PRO A 258 2.80 5.12 8.45
CA PRO A 258 2.89 4.48 7.14
C PRO A 258 3.52 5.34 6.06
N PHE A 259 3.96 4.67 5.00
CA PHE A 259 4.34 5.34 3.78
C PHE A 259 4.18 4.40 2.60
N THR A 260 4.35 4.96 1.40
CA THR A 260 4.29 4.17 0.18
C THR A 260 5.27 4.76 -0.83
N TYR A 261 5.77 3.93 -1.73
CA TYR A 261 6.62 4.39 -2.83
C TYR A 261 5.83 4.56 -4.11
N LEU A 262 4.59 4.09 -4.10
CA LEU A 262 3.79 4.05 -5.32
C LEU A 262 2.94 5.31 -5.48
N VAL A 263 2.75 5.71 -6.73
CA VAL A 263 1.87 6.80 -7.09
C VAL A 263 0.79 6.29 -8.04
N GLN A 264 -0.20 7.12 -8.31
CA GLN A 264 -1.32 6.72 -9.15
C GLN A 264 -0.83 6.12 -10.47
N GLU A 265 0.13 6.80 -11.10
CA GLU A 265 0.69 6.31 -12.36
C GLU A 265 1.27 4.90 -12.27
N SER A 266 1.83 4.54 -11.11
CA SER A 266 2.37 3.19 -10.93
C SER A 266 1.23 2.22 -11.12
N TYR A 267 0.16 2.50 -10.39
CA TYR A 267 -1.08 1.74 -10.48
C TYR A 267 -1.58 1.68 -11.90
N ASP A 268 -1.51 2.79 -12.62
CA ASP A 268 -1.90 2.78 -14.02
C ASP A 268 -1.11 1.75 -14.83
N ALA A 269 0.20 1.71 -14.63
CA ALA A 269 1.02 0.73 -15.36
C ALA A 269 0.66 -0.71 -14.99
N MET A 270 0.41 -0.96 -13.73
CA MET A 270 0.02 -2.30 -13.31
C MET A 270 -1.22 -2.75 -14.09
N ALA A 271 -2.19 -1.86 -14.17
CA ALA A 271 -3.43 -2.14 -14.89
C ALA A 271 -3.13 -2.58 -16.32
N ILE A 272 -2.15 -1.95 -16.94
CA ILE A 272 -1.84 -2.28 -18.32
C ILE A 272 -1.21 -3.67 -18.42
N VAL A 273 -0.45 -4.04 -17.39
CA VAL A 273 0.15 -5.37 -17.33
C VAL A 273 -0.95 -6.42 -17.25
N GLU A 274 -1.90 -6.22 -16.33
CA GLU A 274 -2.99 -7.17 -16.21
C GLU A 274 -3.80 -7.23 -17.51
N GLN A 275 -3.95 -6.09 -18.16
CA GLN A 275 -4.64 -6.07 -19.45
C GLN A 275 -3.93 -6.93 -20.48
N CYS A 276 -2.62 -6.79 -20.56
CA CYS A 276 -1.82 -7.53 -21.52
C CYS A 276 -1.93 -9.01 -21.24
N ARG A 277 -2.04 -9.30 -19.96
CA ARG A 277 -2.11 -10.65 -19.46
C ARG A 277 -3.43 -11.31 -19.86
N LYS A 278 -4.52 -10.55 -19.80
CA LYS A 278 -5.82 -11.07 -20.21
C LYS A 278 -5.88 -11.16 -21.73
N ALA A 279 -4.99 -10.44 -22.40
CA ALA A 279 -4.94 -10.46 -23.85
C ALA A 279 -3.80 -11.33 -24.37
N ASN A 280 -3.42 -12.33 -23.58
CA ASN A 280 -2.41 -13.30 -24.00
C ASN A 280 -1.03 -12.73 -24.29
N LEU A 281 -0.70 -11.63 -23.63
CA LEU A 281 0.66 -11.14 -23.52
C LEU A 281 1.07 -11.34 -22.06
N PRO A 282 1.58 -12.53 -21.72
CA PRO A 282 1.97 -12.83 -20.34
C PRO A 282 3.09 -11.92 -19.84
N CYS A 283 2.87 -11.22 -18.72
CA CYS A 283 3.93 -10.40 -18.12
C CYS A 283 3.60 -10.09 -16.66
N TYR A 284 4.60 -9.63 -15.91
CA TYR A 284 4.41 -9.39 -14.48
C TYR A 284 5.25 -8.23 -13.97
N PHE A 285 4.69 -7.46 -13.06
CA PHE A 285 5.36 -6.25 -12.61
C PHE A 285 5.95 -6.39 -11.21
N THR A 286 6.87 -5.49 -10.89
CA THR A 286 7.42 -5.38 -9.53
C THR A 286 7.94 -3.96 -9.35
N MET A 287 7.99 -3.50 -8.10
CA MET A 287 8.44 -2.14 -7.85
C MET A 287 9.44 -2.20 -6.70
N ASP A 288 10.41 -1.28 -6.73
CA ASP A 288 11.42 -1.20 -5.69
C ASP A 288 11.18 0.02 -4.81
N ALA A 289 12.23 0.78 -4.45
CA ALA A 289 12.05 1.91 -3.55
C ALA A 289 11.69 3.18 -4.31
N GLY A 290 10.57 3.14 -5.02
CA GLY A 290 10.10 4.28 -5.78
C GLY A 290 8.98 3.85 -6.71
N PRO A 291 8.42 4.81 -7.46
CA PRO A 291 7.23 4.60 -8.27
C PRO A 291 7.46 3.86 -9.58
N ASN A 292 8.70 3.68 -10.01
CA ASN A 292 8.91 3.03 -11.29
C ASN A 292 8.36 1.62 -11.27
N VAL A 293 7.72 1.22 -12.36
CA VAL A 293 7.14 -0.13 -12.40
C VAL A 293 7.98 -0.92 -13.38
N LYS A 294 8.44 -2.08 -12.95
CA LYS A 294 9.29 -2.92 -13.79
C LYS A 294 8.51 -4.15 -14.23
N VAL A 295 8.60 -4.47 -15.51
CA VAL A 295 7.75 -5.49 -16.10
C VAL A 295 8.58 -6.64 -16.63
N LEU A 296 8.44 -7.79 -15.99
CA LEU A 296 9.11 -9.00 -16.46
C LEU A 296 8.27 -9.64 -17.55
N VAL A 297 8.90 -9.90 -18.70
CA VAL A 297 8.19 -10.48 -19.85
C VAL A 297 9.16 -11.36 -20.64
N GLU A 298 8.64 -12.37 -21.33
CA GLU A 298 9.48 -13.18 -22.21
C GLU A 298 9.92 -12.33 -23.40
N LYS A 299 11.15 -12.56 -23.86
CA LYS A 299 11.76 -11.69 -24.87
C LYS A 299 10.91 -11.55 -26.13
N LYS A 300 10.25 -12.63 -26.54
CA LYS A 300 9.36 -12.59 -27.69
C LYS A 300 8.23 -11.54 -27.52
N ASN A 301 7.55 -11.55 -26.38
CA ASN A 301 6.46 -10.60 -26.16
C ASN A 301 6.90 -9.19 -25.76
N LYS A 302 8.19 -8.98 -25.60
CA LYS A 302 8.68 -7.69 -25.16
C LYS A 302 8.15 -6.57 -26.04
N GLN A 303 8.26 -6.75 -27.35
CA GLN A 303 7.86 -5.71 -28.28
C GLN A 303 6.37 -5.41 -28.16
N ALA A 304 5.59 -6.47 -28.12
CA ALA A 304 4.14 -6.34 -28.01
C ALA A 304 3.75 -5.59 -26.74
N VAL A 305 4.27 -6.02 -25.59
CA VAL A 305 3.92 -5.39 -24.33
C VAL A 305 4.29 -3.91 -24.33
N MET A 306 5.47 -3.61 -24.86
CA MET A 306 5.93 -2.23 -24.91
C MET A 306 4.93 -1.37 -25.64
N GLU A 307 4.48 -1.83 -26.80
CA GLU A 307 3.53 -1.06 -27.59
C GLU A 307 2.29 -0.68 -26.77
N GLN A 308 1.84 -1.59 -25.90
CA GLN A 308 0.66 -1.33 -25.09
C GLN A 308 0.93 -0.21 -24.10
N PHE A 309 2.09 -0.24 -23.47
CA PHE A 309 2.48 0.88 -22.60
C PHE A 309 2.61 2.16 -23.40
N LEU A 310 3.06 2.04 -24.65
CA LEU A 310 3.27 3.19 -25.52
C LEU A 310 1.97 3.85 -25.95
N LYS A 311 0.86 3.17 -25.70
CA LYS A 311 -0.46 3.70 -25.96
C LYS A 311 -0.73 4.85 -24.99
N VAL A 312 -0.08 4.84 -23.83
CA VAL A 312 -0.35 5.85 -22.82
C VAL A 312 0.89 6.54 -22.26
N PHE A 313 2.03 5.86 -22.27
CA PHE A 313 3.22 6.44 -21.71
C PHE A 313 4.10 7.01 -22.82
N ASP A 314 4.79 8.10 -22.49
CA ASP A 314 5.72 8.74 -23.39
C ASP A 314 6.82 7.75 -23.80
N GLU A 315 7.15 7.74 -25.08
CA GLU A 315 8.15 6.84 -25.62
C GLU A 315 9.46 6.87 -24.83
N SER A 316 9.83 8.04 -24.35
CA SER A 316 11.06 8.17 -23.58
C SER A 316 10.95 7.48 -22.23
N LYS A 317 9.72 7.27 -21.77
CA LYS A 317 9.47 6.73 -20.45
C LYS A 317 9.52 5.22 -20.40
N ILE A 318 9.54 4.59 -21.57
CA ILE A 318 9.51 3.14 -21.67
C ILE A 318 10.80 2.57 -22.23
N ILE A 319 11.49 1.76 -21.42
CA ILE A 319 12.83 1.32 -21.73
C ILE A 319 13.00 -0.15 -21.37
N ALA A 320 13.40 -0.96 -22.33
CA ALA A 320 13.56 -2.38 -22.09
C ALA A 320 15.03 -2.76 -21.97
N SER A 321 15.27 -3.86 -21.28
CA SER A 321 16.61 -4.41 -21.16
C SER A 321 16.50 -5.92 -21.21
N ASP A 322 17.48 -6.57 -21.81
CA ASP A 322 17.54 -8.02 -21.76
C ASP A 322 18.21 -8.42 -20.46
N ILE A 323 18.26 -9.72 -20.20
CA ILE A 323 18.94 -10.22 -19.01
C ILE A 323 20.22 -10.89 -19.47
N ILE A 324 21.32 -10.52 -18.84
CA ILE A 324 22.65 -10.89 -19.32
C ILE A 324 23.07 -12.17 -18.61
N SER A 325 23.82 -13.02 -19.30
CA SER A 325 24.17 -14.32 -18.75
C SER A 325 25.44 -14.29 -17.91
N SER A 326 26.32 -13.36 -18.21
CA SER A 326 27.63 -13.33 -17.57
C SER A 326 27.62 -12.44 -16.35
N GLY A 327 28.65 -12.60 -15.52
CA GLY A 327 28.77 -11.87 -14.29
C GLY A 327 29.72 -10.69 -14.41
N VAL A 328 30.13 -10.17 -13.26
CA VAL A 328 30.94 -8.98 -13.24
C VAL A 328 32.19 -9.23 -14.08
N GLU A 329 32.65 -8.22 -14.78
CA GLU A 329 33.81 -8.42 -15.64
C GLU A 329 34.83 -7.31 -15.49
N ILE A 330 36.11 -7.66 -15.58
CA ILE A 330 37.12 -6.61 -15.59
C ILE A 330 37.40 -6.17 -17.00
N ILE A 331 37.65 -4.87 -17.15
CA ILE A 331 37.75 -4.23 -18.45
C ILE A 331 38.93 -3.28 -18.48
N LYS A 332 39.19 -2.69 -19.64
CA LYS A 332 40.27 -1.73 -19.80
C LYS A 332 39.97 -0.32 -19.26
N VAL B 7 -52.60 9.86 0.64
CA VAL B 7 -51.20 10.28 0.69
C VAL B 7 -50.53 10.01 2.03
N LYS B 8 -49.40 9.31 2.00
CA LYS B 8 -48.71 8.90 3.22
C LYS B 8 -47.29 9.48 3.28
N SER B 9 -46.89 10.00 4.43
CA SER B 9 -45.62 10.71 4.48
C SER B 9 -45.00 10.69 5.85
N GLY B 10 -43.67 10.80 5.87
CA GLY B 10 -42.90 10.81 7.09
C GLY B 10 -41.52 11.39 6.84
N LYS B 11 -40.85 11.81 7.91
CA LYS B 11 -39.55 12.46 7.76
C LYS B 11 -38.63 12.06 8.91
N ALA B 12 -37.37 11.75 8.58
CA ALA B 12 -36.41 11.32 9.59
C ALA B 12 -35.00 11.86 9.35
N ARG B 13 -34.22 11.94 10.42
CA ARG B 13 -32.83 12.35 10.33
C ARG B 13 -31.93 11.18 10.71
N ALA B 14 -31.00 10.82 9.82
CA ALA B 14 -29.99 9.82 10.14
C ALA B 14 -28.59 10.43 10.01
N HIS B 15 -27.70 10.12 10.97
CA HIS B 15 -26.32 10.62 10.99
C HIS B 15 -25.35 9.64 10.33
N THR B 16 -24.29 10.13 9.70
CA THR B 16 -23.34 9.19 9.11
C THR B 16 -22.58 8.50 10.23
N ASN B 17 -21.92 7.40 9.92
CA ASN B 17 -21.12 6.71 10.92
C ASN B 17 -19.81 6.30 10.28
N ILE B 18 -18.74 6.23 11.06
CA ILE B 18 -17.46 5.81 10.53
C ILE B 18 -17.06 4.49 11.15
N ALA B 19 -16.73 3.52 10.30
CA ALA B 19 -16.31 2.21 10.77
C ALA B 19 -14.91 2.29 11.33
N LEU B 20 -14.76 1.81 12.56
CA LEU B 20 -13.44 1.61 13.19
C LEU B 20 -12.90 0.19 12.88
N ILE B 21 -13.76 -0.81 12.99
CA ILE B 21 -13.43 -2.10 12.40
C ILE B 21 -14.21 -2.19 11.10
N LYS B 22 -13.49 -2.24 9.99
CA LYS B 22 -14.11 -2.05 8.67
C LYS B 22 -15.03 -3.16 8.18
N TYR B 23 -16.06 -2.76 7.42
CA TYR B 23 -16.82 -3.67 6.58
C TYR B 23 -16.18 -3.56 5.21
N TRP B 24 -15.81 -4.69 4.63
CA TRP B 24 -15.10 -4.65 3.36
C TRP B 24 -15.17 -6.02 2.71
N GLY B 25 -16.10 -6.15 1.77
CA GLY B 25 -16.34 -7.39 1.06
C GLY B 25 -17.68 -8.00 1.45
N LYS B 26 -18.46 -8.38 0.44
CA LYS B 26 -19.78 -8.99 0.65
C LYS B 26 -19.74 -10.51 0.48
N ALA B 27 -20.29 -11.22 1.45
CA ALA B 27 -20.53 -12.64 1.27
C ALA B 27 -21.64 -12.80 0.23
N ASP B 28 -22.57 -11.84 0.21
CA ASP B 28 -23.73 -11.90 -0.68
C ASP B 28 -24.07 -10.52 -1.21
N GLU B 29 -23.94 -10.36 -2.52
CA GLU B 29 -24.08 -9.07 -3.16
C GLU B 29 -25.52 -8.56 -3.27
N THR B 30 -26.49 -9.46 -3.31
CA THR B 30 -27.86 -9.02 -3.58
C THR B 30 -28.59 -8.58 -2.31
N TYR B 31 -28.33 -9.26 -1.20
CA TYR B 31 -28.92 -8.89 0.09
C TYR B 31 -27.97 -8.09 0.98
N ILE B 32 -26.78 -7.83 0.47
CA ILE B 32 -25.76 -7.11 1.22
C ILE B 32 -25.49 -7.74 2.59
N ILE B 33 -24.97 -8.96 2.58
CA ILE B 33 -24.46 -9.61 3.79
C ILE B 33 -22.93 -9.58 3.71
N PRO B 34 -22.27 -9.15 4.80
CA PRO B 34 -20.81 -8.89 4.80
C PRO B 34 -19.98 -10.14 5.09
N MET B 35 -18.74 -10.17 4.60
CA MET B 35 -17.83 -11.25 4.95
C MET B 35 -17.49 -11.21 6.43
N ASN B 36 -17.64 -10.05 7.06
CA ASN B 36 -17.25 -9.92 8.46
C ASN B 36 -18.02 -8.85 9.25
N ASN B 37 -18.09 -8.99 10.55
CA ASN B 37 -18.65 -7.95 11.40
C ASN B 37 -17.90 -6.62 11.29
N SER B 38 -18.56 -5.55 11.71
CA SER B 38 -17.91 -4.24 11.70
C SER B 38 -18.34 -3.41 12.90
N LEU B 39 -17.50 -2.45 13.27
CA LEU B 39 -17.75 -1.65 14.45
C LEU B 39 -17.58 -0.18 14.09
N SER B 40 -18.62 0.62 14.32
CA SER B 40 -18.60 2.00 13.90
C SER B 40 -18.97 2.93 15.04
N VAL B 41 -18.67 4.22 14.88
CA VAL B 41 -19.20 5.27 15.73
C VAL B 41 -20.03 6.24 14.90
N THR B 42 -21.10 6.78 15.47
CA THR B 42 -21.99 7.68 14.74
C THR B 42 -21.64 9.15 15.02
N LEU B 43 -21.65 9.97 13.98
CA LEU B 43 -21.20 11.35 14.08
C LEU B 43 -22.33 12.36 14.27
N ASP B 44 -22.13 13.25 15.23
CA ASP B 44 -23.03 14.36 15.48
C ASP B 44 -23.19 15.36 14.32
N ARG B 45 -22.12 15.59 13.57
CA ARG B 45 -22.07 16.76 12.69
C ARG B 45 -22.61 16.56 11.28
N PHE B 46 -22.54 15.33 10.78
CA PHE B 46 -22.89 15.08 9.39
C PHE B 46 -24.12 14.19 9.34
N TYR B 47 -25.14 14.62 8.62
CA TYR B 47 -26.38 13.83 8.58
C TYR B 47 -27.22 14.09 7.35
N THR B 48 -28.26 13.29 7.21
CA THR B 48 -29.16 13.40 6.08
C THR B 48 -30.57 13.51 6.63
N GLU B 49 -31.35 14.45 6.08
CA GLU B 49 -32.77 14.55 6.40
C GLU B 49 -33.59 14.21 5.17
N THR B 50 -34.50 13.27 5.31
CA THR B 50 -35.22 12.74 4.16
C THR B 50 -36.70 12.68 4.41
N LYS B 51 -37.47 13.43 3.63
CA LYS B 51 -38.92 13.29 3.65
C LYS B 51 -39.31 12.37 2.52
N VAL B 52 -40.25 11.48 2.81
CA VAL B 52 -40.75 10.58 1.79
C VAL B 52 -42.26 10.76 1.74
N THR B 53 -42.81 10.79 0.53
CA THR B 53 -44.24 10.99 0.33
C THR B 53 -44.78 9.97 -0.66
N PHE B 54 -45.71 9.13 -0.19
CA PHE B 54 -46.34 8.10 -1.03
C PHE B 54 -47.69 8.56 -1.62
N ASP B 55 -47.76 8.65 -2.94
CA ASP B 55 -48.97 9.17 -3.58
C ASP B 55 -49.51 8.19 -4.61
N PRO B 56 -50.80 7.82 -4.48
CA PRO B 56 -51.41 6.86 -5.40
C PRO B 56 -51.26 7.30 -6.85
N ASP B 57 -50.99 8.59 -7.09
CA ASP B 57 -50.91 9.13 -8.46
C ASP B 57 -49.54 8.99 -9.11
N PHE B 58 -48.52 8.72 -8.30
CA PHE B 58 -47.17 8.65 -8.82
C PHE B 58 -46.94 7.42 -9.70
N THR B 59 -46.24 7.65 -10.81
CA THR B 59 -45.93 6.61 -11.79
C THR B 59 -44.67 5.84 -11.40
N GLU B 60 -43.68 6.59 -10.96
CA GLU B 60 -42.36 6.04 -10.66
C GLU B 60 -41.74 6.87 -9.55
N ASP B 61 -40.87 6.25 -8.75
CA ASP B 61 -40.26 6.95 -7.63
C ASP B 61 -39.46 8.15 -8.11
N CYS B 62 -39.58 9.24 -7.38
CA CYS B 62 -38.83 10.45 -7.69
C CYS B 62 -37.92 10.80 -6.51
N LEU B 63 -36.67 11.13 -6.82
CA LEU B 63 -35.74 11.56 -5.79
C LEU B 63 -35.12 12.92 -6.05
N ILE B 64 -35.40 13.87 -5.16
CA ILE B 64 -34.78 15.18 -5.19
C ILE B 64 -33.81 15.29 -4.03
N LEU B 65 -32.54 15.54 -4.35
CA LEU B 65 -31.50 15.61 -3.34
C LEU B 65 -30.82 16.99 -3.32
N ASN B 66 -30.93 17.68 -2.18
CA ASN B 66 -30.36 19.00 -2.08
C ASN B 66 -30.95 19.90 -3.16
N GLY B 67 -32.19 19.63 -3.54
CA GLY B 67 -32.91 20.47 -4.47
C GLY B 67 -32.76 20.10 -5.93
N ASN B 68 -31.94 19.10 -6.22
CA ASN B 68 -31.73 18.67 -7.60
C ASN B 68 -32.06 17.19 -7.77
N GLU B 69 -32.29 16.77 -9.02
CA GLU B 69 -32.59 15.38 -9.30
C GLU B 69 -31.31 14.55 -9.34
N VAL B 70 -31.47 13.24 -9.17
CA VAL B 70 -30.32 12.34 -9.11
C VAL B 70 -29.96 11.75 -10.48
N ASN B 71 -28.78 11.12 -10.54
CA ASN B 71 -28.30 10.50 -11.78
C ASN B 71 -28.93 9.12 -12.06
N ALA B 72 -28.84 8.69 -13.31
CA ALA B 72 -29.35 7.38 -13.71
C ALA B 72 -29.15 6.34 -12.63
N LYS B 73 -27.89 6.03 -12.33
CA LYS B 73 -27.55 4.93 -11.40
C LYS B 73 -28.21 5.04 -10.03
N GLU B 74 -28.27 6.24 -9.49
CA GLU B 74 -28.94 6.46 -8.22
C GLU B 74 -30.44 6.26 -8.38
N LYS B 75 -31.06 7.02 -9.28
CA LYS B 75 -32.49 6.86 -9.55
C LYS B 75 -32.85 5.38 -9.67
N GLU B 76 -32.16 4.67 -10.55
CA GLU B 76 -32.35 3.22 -10.64
C GLU B 76 -32.10 2.59 -9.28
N LYS B 77 -30.99 2.94 -8.67
CA LYS B 77 -30.63 2.35 -7.37
C LYS B 77 -31.75 2.59 -6.35
N ILE B 78 -32.41 3.75 -6.46
CA ILE B 78 -33.47 4.12 -5.52
C ILE B 78 -34.78 3.40 -5.85
N GLN B 79 -35.02 3.14 -7.13
CA GLN B 79 -36.24 2.48 -7.52
C GLN B 79 -36.24 0.99 -7.19
N ASN B 80 -35.07 0.36 -7.23
CA ASN B 80 -34.94 -1.03 -6.78
C ASN B 80 -35.11 -1.13 -5.28
N TYR B 81 -34.56 -0.16 -4.56
CA TYR B 81 -34.68 -0.15 -3.11
C TYR B 81 -36.11 0.01 -2.68
N MET B 82 -36.83 0.94 -3.33
CA MET B 82 -38.24 1.18 -3.01
C MET B 82 -39.11 -0.04 -3.34
N ASN B 83 -38.72 -0.82 -4.35
CA ASN B 83 -39.41 -2.06 -4.61
C ASN B 83 -39.35 -2.93 -3.37
N ILE B 84 -38.21 -2.90 -2.68
CA ILE B 84 -38.07 -3.68 -1.46
C ILE B 84 -39.00 -3.17 -0.40
N VAL B 85 -39.15 -1.85 -0.36
CA VAL B 85 -40.04 -1.21 0.59
C VAL B 85 -41.49 -1.61 0.30
N ARG B 86 -41.87 -1.52 -0.98
CA ARG B 86 -43.21 -1.88 -1.38
C ARG B 86 -43.50 -3.31 -0.94
N ASP B 87 -42.66 -4.24 -1.39
CA ASP B 87 -42.79 -5.64 -0.99
C ASP B 87 -43.04 -5.78 0.51
N LEU B 88 -42.22 -5.11 1.32
CA LEU B 88 -42.33 -5.18 2.77
C LEU B 88 -43.63 -4.58 3.28
N ALA B 89 -44.09 -3.52 2.63
CA ALA B 89 -45.29 -2.82 3.09
C ALA B 89 -46.53 -3.56 2.63
N GLY B 90 -46.42 -4.15 1.45
CA GLY B 90 -47.53 -4.84 0.84
C GLY B 90 -48.36 -3.88 0.04
N ASN B 91 -47.72 -2.88 -0.58
CA ASN B 91 -48.44 -1.97 -1.45
C ASN B 91 -47.67 -1.71 -2.72
N ARG B 92 -48.23 -0.88 -3.59
CA ARG B 92 -47.65 -0.68 -4.91
C ARG B 92 -47.44 0.80 -5.14
N LEU B 93 -47.31 1.55 -4.05
CA LEU B 93 -47.17 3.00 -4.10
C LEU B 93 -45.75 3.47 -4.40
N HIS B 94 -45.63 4.35 -5.38
CA HIS B 94 -44.37 5.04 -5.60
C HIS B 94 -44.30 6.28 -4.70
N ALA B 95 -43.09 6.74 -4.42
CA ALA B 95 -42.91 7.86 -3.50
C ALA B 95 -42.07 8.96 -4.10
N ARG B 96 -42.41 10.20 -3.78
CA ARG B 96 -41.52 11.33 -4.05
C ARG B 96 -40.63 11.48 -2.82
N ILE B 97 -39.33 11.42 -3.03
CA ILE B 97 -38.37 11.50 -1.95
C ILE B 97 -37.64 12.83 -2.03
N GLU B 98 -37.67 13.60 -0.95
CA GLU B 98 -36.90 14.83 -0.89
C GLU B 98 -35.91 14.73 0.23
N SER B 99 -34.63 14.81 -0.11
CA SER B 99 -33.59 14.61 0.86
C SER B 99 -32.60 15.75 0.89
N GLU B 100 -32.02 15.99 2.06
CA GLU B 100 -31.06 17.07 2.23
C GLU B 100 -29.85 16.57 3.04
N ASN B 101 -28.65 16.64 2.44
CA ASN B 101 -27.42 16.25 3.11
C ASN B 101 -26.80 17.40 3.89
N TYR B 102 -26.57 17.21 5.19
CA TYR B 102 -25.93 18.25 5.98
C TYR B 102 -24.45 17.95 6.15
N VAL B 103 -23.70 18.34 5.13
CA VAL B 103 -22.32 17.97 5.02
C VAL B 103 -21.59 19.10 4.31
N PRO B 104 -20.33 19.36 4.71
CA PRO B 104 -19.47 20.32 4.03
C PRO B 104 -19.47 20.03 2.55
N THR B 105 -19.76 21.03 1.73
CA THR B 105 -20.01 20.81 0.31
C THR B 105 -18.77 20.35 -0.47
N ALA B 106 -18.93 19.29 -1.25
CA ALA B 106 -17.91 18.89 -2.22
C ALA B 106 -16.60 18.50 -1.53
N ALA B 107 -16.72 17.86 -0.37
CA ALA B 107 -15.56 17.45 0.42
C ALA B 107 -15.46 15.93 0.54
N GLY B 108 -16.18 15.21 -0.30
CA GLY B 108 -16.09 13.76 -0.33
C GLY B 108 -16.71 13.08 0.89
N LEU B 109 -17.48 13.85 1.66
CA LEU B 109 -18.06 13.31 2.89
C LEU B 109 -19.57 13.18 2.84
N ALA B 110 -20.12 12.71 1.73
CA ALA B 110 -21.54 12.37 1.72
C ALA B 110 -21.61 10.86 1.73
N SER B 111 -22.52 10.29 2.49
CA SER B 111 -22.51 8.83 2.61
C SER B 111 -23.82 8.13 2.28
N SER B 112 -23.69 6.91 1.79
CA SER B 112 -24.84 6.04 1.64
C SER B 112 -25.40 5.70 3.02
N ALA B 113 -24.57 5.71 4.05
CA ALA B 113 -25.02 5.32 5.39
C ALA B 113 -26.14 6.20 5.91
N SER B 114 -25.96 7.50 5.83
CA SER B 114 -26.97 8.40 6.35
C SER B 114 -28.17 8.36 5.44
N ALA B 115 -27.91 8.35 4.13
CA ALA B 115 -28.97 8.36 3.12
C ALA B 115 -29.98 7.23 3.35
N TYR B 116 -29.47 6.02 3.53
CA TYR B 116 -30.36 4.86 3.53
C TYR B 116 -31.00 4.61 4.87
N ALA B 117 -30.30 4.95 5.94
CA ALA B 117 -30.89 4.85 7.25
C ALA B 117 -32.04 5.84 7.34
N ALA B 118 -31.80 7.05 6.88
CA ALA B 118 -32.83 8.09 6.90
C ALA B 118 -34.05 7.64 6.09
N LEU B 119 -33.80 7.12 4.89
CA LEU B 119 -34.89 6.68 4.03
C LEU B 119 -35.68 5.54 4.66
N ALA B 120 -34.96 4.55 5.17
CA ALA B 120 -35.62 3.41 5.80
C ALA B 120 -36.53 3.88 6.92
N ALA B 121 -36.00 4.74 7.78
CA ALA B 121 -36.78 5.22 8.92
C ALA B 121 -37.93 6.15 8.49
N ALA B 122 -37.78 6.82 7.35
CA ALA B 122 -38.83 7.73 6.87
C ALA B 122 -39.96 6.93 6.25
N CYS B 123 -39.60 5.88 5.54
CA CYS B 123 -40.58 4.98 4.98
C CYS B 123 -41.28 4.29 6.11
N ASN B 124 -40.50 3.84 7.09
CA ASN B 124 -41.08 3.21 8.27
C ASN B 124 -42.17 4.09 8.85
N GLU B 125 -41.88 5.38 8.98
CA GLU B 125 -42.80 6.31 9.62
C GLU B 125 -43.95 6.61 8.68
N ALA B 126 -43.65 6.82 7.41
CA ALA B 126 -44.67 7.13 6.43
C ALA B 126 -45.74 6.03 6.41
N LEU B 127 -45.30 4.79 6.21
CA LEU B 127 -46.21 3.65 6.11
C LEU B 127 -46.63 3.02 7.45
N SER B 128 -46.26 3.67 8.56
CA SER B 128 -46.61 3.19 9.90
C SER B 128 -46.31 1.70 10.11
N LEU B 129 -45.06 1.29 9.98
CA LEU B 129 -44.72 -0.13 10.07
C LEU B 129 -44.22 -0.49 11.46
N ASN B 130 -43.96 0.50 12.28
CA ASN B 130 -43.47 0.28 13.64
C ASN B 130 -42.36 -0.78 13.69
N LEU B 131 -41.46 -0.71 12.71
CA LEU B 131 -40.35 -1.64 12.63
C LEU B 131 -39.45 -1.52 13.85
N SER B 132 -39.09 -2.67 14.41
CA SER B 132 -38.10 -2.73 15.49
C SER B 132 -36.77 -2.16 14.98
N ASP B 133 -35.93 -1.66 15.89
CA ASP B 133 -34.62 -1.21 15.47
C ASP B 133 -33.92 -2.25 14.62
N THR B 134 -34.06 -3.51 15.00
CA THR B 134 -33.44 -4.63 14.27
C THR B 134 -33.91 -4.69 12.83
N ASP B 135 -35.21 -4.67 12.63
CA ASP B 135 -35.78 -4.74 11.30
C ASP B 135 -35.54 -3.44 10.51
N LEU B 136 -35.36 -2.34 11.22
CA LEU B 136 -35.05 -1.08 10.55
C LEU B 136 -33.63 -1.19 10.00
N SER B 137 -32.73 -1.67 10.85
CA SER B 137 -31.36 -1.90 10.41
C SER B 137 -31.33 -2.84 9.22
N ARG B 138 -32.10 -3.93 9.29
CA ARG B 138 -32.14 -4.86 8.15
C ARG B 138 -32.62 -4.13 6.91
N LEU B 139 -33.68 -3.33 7.06
CA LEU B 139 -34.20 -2.58 5.93
C LEU B 139 -33.13 -1.66 5.36
N ALA B 140 -32.40 -0.98 6.23
CA ALA B 140 -31.36 -0.07 5.76
C ALA B 140 -30.20 -0.82 5.09
N ARG B 141 -29.94 -2.04 5.55
CA ARG B 141 -28.82 -2.82 5.07
C ARG B 141 -28.98 -3.12 3.59
N ARG B 142 -30.23 -3.31 3.15
CA ARG B 142 -30.52 -3.65 1.75
C ARG B 142 -30.17 -2.52 0.77
N GLY B 143 -30.05 -1.30 1.28
CA GLY B 143 -29.67 -0.17 0.43
C GLY B 143 -28.16 0.01 0.38
N SER B 144 -27.55 0.02 1.55
CA SER B 144 -26.11 0.12 1.71
C SER B 144 -25.73 -0.55 3.02
N GLY B 145 -24.69 -1.39 3.01
CA GLY B 145 -24.34 -2.13 4.21
C GLY B 145 -24.10 -1.27 5.43
N SER B 146 -23.40 -0.16 5.25
CA SER B 146 -23.06 0.73 6.36
C SER B 146 -24.25 1.50 6.90
N ALA B 147 -25.32 1.59 6.11
CA ALA B 147 -26.56 2.21 6.58
C ALA B 147 -27.16 1.41 7.72
N SER B 148 -26.90 0.09 7.72
CA SER B 148 -27.41 -0.76 8.80
C SER B 148 -27.02 -0.17 10.15
N ARG B 149 -25.87 0.48 10.23
CA ARG B 149 -25.35 0.93 11.51
C ARG B 149 -25.86 2.31 11.90
N SER B 150 -26.26 3.11 10.92
CA SER B 150 -26.71 4.47 11.19
C SER B 150 -28.09 4.54 11.84
N ILE B 151 -28.69 3.37 12.07
CA ILE B 151 -29.92 3.31 12.83
C ILE B 151 -29.60 3.67 14.27
N PHE B 152 -28.32 3.53 14.65
CA PHE B 152 -27.92 3.74 16.05
C PHE B 152 -26.92 4.86 16.26
N GLY B 153 -26.87 5.37 17.48
CA GLY B 153 -25.92 6.38 17.88
C GLY B 153 -24.74 5.75 18.58
N GLY B 154 -23.74 6.55 18.93
CA GLY B 154 -22.58 6.04 19.64
C GLY B 154 -21.88 4.91 18.92
N PHE B 155 -21.52 3.87 19.66
CA PHE B 155 -20.82 2.74 19.08
C PHE B 155 -21.89 1.80 18.57
N ALA B 156 -21.70 1.26 17.37
CA ALA B 156 -22.62 0.25 16.88
C ALA B 156 -21.81 -0.88 16.27
N GLU B 157 -22.36 -2.09 16.33
CA GLU B 157 -21.76 -3.24 15.64
C GLU B 157 -22.75 -3.89 14.66
N TRP B 158 -22.31 -4.11 13.43
CA TRP B 158 -23.05 -4.86 12.42
C TRP B 158 -22.66 -6.33 12.50
N GLU B 159 -23.57 -7.17 13.00
CA GLU B 159 -23.36 -8.62 13.03
C GLU B 159 -23.67 -9.19 11.65
N LYS B 160 -22.71 -9.92 11.09
CA LYS B 160 -22.80 -10.35 9.71
C LYS B 160 -23.95 -11.32 9.42
N GLY B 161 -24.26 -12.18 10.39
CA GLY B 161 -25.18 -13.28 10.18
C GLY B 161 -24.93 -14.01 8.86
N HIS B 162 -25.97 -14.66 8.34
CA HIS B 162 -25.81 -15.52 7.17
C HIS B 162 -26.97 -15.39 6.20
N ASP B 163 -28.04 -14.70 6.63
CA ASP B 163 -29.19 -14.49 5.76
C ASP B 163 -29.78 -13.09 5.96
N ASP B 164 -30.81 -12.78 5.18
CA ASP B 164 -31.48 -11.49 5.26
C ASP B 164 -32.03 -11.26 6.66
N LEU B 165 -32.42 -12.33 7.33
CA LEU B 165 -32.98 -12.20 8.67
C LEU B 165 -31.92 -11.93 9.73
N THR B 166 -30.72 -12.48 9.56
CA THR B 166 -29.75 -12.49 10.67
C THR B 166 -28.68 -11.40 10.61
N SER B 167 -28.52 -10.80 9.43
CA SER B 167 -27.50 -9.77 9.19
C SER B 167 -27.96 -8.36 9.54
N TYR B 168 -27.64 -7.90 10.75
CA TYR B 168 -28.08 -6.57 11.16
C TYR B 168 -27.19 -5.95 12.25
N ALA B 169 -27.34 -4.63 12.41
CA ALA B 169 -26.59 -3.88 13.41
C ALA B 169 -27.32 -3.77 14.74
N HIS B 170 -26.58 -3.44 15.79
CA HIS B 170 -27.16 -3.10 17.08
C HIS B 170 -26.30 -2.07 17.79
N GLY B 171 -26.92 -1.25 18.64
CA GLY B 171 -26.21 -0.23 19.38
C GLY B 171 -25.51 -0.81 20.60
N ILE B 172 -24.34 -0.27 20.92
CA ILE B 172 -23.53 -0.77 22.02
C ILE B 172 -23.50 0.27 23.12
N ASN B 173 -23.91 -0.13 24.32
CA ASN B 173 -23.86 0.77 25.48
C ASN B 173 -22.45 0.83 26.05
N SER B 174 -21.87 2.02 26.11
CA SER B 174 -20.52 2.17 26.65
C SER B 174 -20.54 3.09 27.86
N ASN B 175 -21.62 3.04 28.62
CA ASN B 175 -21.78 3.91 29.77
C ASN B 175 -21.43 5.36 29.46
N GLY B 176 -21.77 5.80 28.25
CA GLY B 176 -21.63 7.19 27.87
C GLY B 176 -20.19 7.58 27.56
N TRP B 177 -19.37 6.59 27.24
CA TRP B 177 -18.00 6.85 26.80
C TRP B 177 -18.04 7.74 25.58
N GLU B 178 -19.01 7.54 24.70
CA GLU B 178 -19.04 8.29 23.45
C GLU B 178 -19.06 9.79 23.67
N LYS B 179 -19.61 10.24 24.80
CA LYS B 179 -19.63 11.67 25.09
C LYS B 179 -18.24 12.26 25.29
N ASP B 180 -17.24 11.40 25.52
CA ASP B 180 -15.85 11.85 25.71
C ASP B 180 -15.02 11.92 24.43
N LEU B 181 -15.58 11.45 23.32
CA LEU B 181 -14.79 11.27 22.10
C LEU B 181 -15.25 12.17 20.95
N SER B 182 -14.36 12.33 19.98
CA SER B 182 -14.58 13.19 18.83
C SER B 182 -13.84 12.61 17.64
N MET B 183 -14.14 13.13 16.45
CA MET B 183 -13.45 12.68 15.26
C MET B 183 -13.10 13.87 14.38
N ILE B 184 -11.80 14.07 14.13
CA ILE B 184 -11.36 15.17 13.29
C ILE B 184 -11.25 14.71 11.86
N PHE B 185 -11.84 15.45 10.94
CA PHE B 185 -11.73 15.09 9.53
C PHE B 185 -10.70 15.95 8.82
N VAL B 186 -9.81 15.31 8.09
CA VAL B 186 -8.88 16.04 7.24
C VAL B 186 -9.30 15.83 5.80
N VAL B 187 -9.79 16.91 5.19
CA VAL B 187 -10.32 16.83 3.85
C VAL B 187 -9.17 16.91 2.86
N ILE B 188 -9.17 15.99 1.91
CA ILE B 188 -8.06 15.82 0.99
C ILE B 188 -8.60 15.45 -0.39
N LYS B 194 -12.33 7.96 -9.31
CA LYS B 194 -12.94 7.66 -8.01
C LYS B 194 -13.68 6.32 -8.08
N VAL B 195 -13.24 5.37 -7.27
CA VAL B 195 -13.80 4.01 -7.26
C VAL B 195 -14.75 3.88 -6.07
N SER B 196 -16.00 3.48 -6.31
CA SER B 196 -16.97 3.39 -5.23
C SER B 196 -16.59 2.29 -4.26
N ALA B 197 -17.01 2.43 -3.02
CA ALA B 197 -16.78 1.39 -2.03
C ALA B 197 -17.36 0.06 -2.51
N ARG B 198 -18.58 0.09 -3.04
CA ARG B 198 -19.19 -1.13 -3.58
C ARG B 198 -18.29 -1.82 -4.62
N SER B 199 -17.82 -1.07 -5.62
CA SER B 199 -17.04 -1.66 -6.71
C SER B 199 -15.63 -2.01 -6.25
N GLY B 200 -15.02 -1.10 -5.51
CA GLY B 200 -13.70 -1.32 -4.98
C GLY B 200 -13.64 -2.58 -4.15
N MET B 201 -14.59 -2.76 -3.33
CA MET B 201 -14.63 -3.85 -2.37
C MET B 201 -15.00 -5.19 -2.99
N SER B 202 -15.69 -5.18 -4.01
CA SER B 202 -15.99 -6.44 -4.67
C SER B 202 -14.81 -6.98 -5.44
N LEU B 203 -14.11 -6.09 -6.16
CA LEU B 203 -12.88 -6.47 -6.84
C LEU B 203 -11.90 -7.10 -5.85
N THR B 204 -11.71 -6.44 -4.72
CA THR B 204 -10.82 -6.91 -3.67
C THR B 204 -11.31 -8.19 -2.98
N ARG B 205 -12.60 -8.25 -2.67
CA ARG B 205 -13.18 -9.46 -2.10
C ARG B 205 -13.02 -10.64 -3.03
N ASP B 206 -13.13 -10.40 -4.33
CA ASP B 206 -13.07 -11.46 -5.33
C ASP B 206 -11.65 -11.83 -5.77
N THR B 207 -10.74 -10.86 -5.81
CA THR B 207 -9.45 -11.11 -6.46
C THR B 207 -8.22 -10.85 -5.61
N SER B 208 -8.37 -10.22 -4.45
CA SER B 208 -7.18 -9.74 -3.75
C SER B 208 -6.36 -10.86 -3.16
N ARG B 209 -5.08 -10.88 -3.52
CA ARG B 209 -4.16 -11.86 -2.98
C ARG B 209 -3.96 -11.75 -1.47
N PHE B 210 -4.33 -10.62 -0.88
CA PHE B 210 -4.17 -10.45 0.57
C PHE B 210 -5.50 -10.50 1.31
N TYR B 211 -6.57 -10.91 0.63
CA TYR B 211 -7.89 -10.91 1.29
C TYR B 211 -7.96 -11.92 2.43
N GLN B 212 -7.41 -13.11 2.24
CA GLN B 212 -7.46 -14.11 3.31
C GLN B 212 -6.81 -13.55 4.56
N TYR B 213 -5.72 -12.80 4.38
CA TYR B 213 -4.99 -12.25 5.51
C TYR B 213 -5.91 -11.34 6.30
N TRP B 214 -6.69 -10.55 5.57
CA TRP B 214 -7.72 -9.72 6.17
C TRP B 214 -8.69 -10.59 6.99
N LEU B 215 -9.24 -11.62 6.36
CA LEU B 215 -10.25 -12.45 7.04
C LEU B 215 -9.69 -13.13 8.28
N ASP B 216 -8.41 -13.46 8.26
CA ASP B 216 -7.81 -14.17 9.38
C ASP B 216 -7.61 -13.27 10.61
N HIS B 217 -7.60 -11.95 10.43
CA HIS B 217 -7.36 -11.09 11.59
C HIS B 217 -8.54 -10.23 12.05
N VAL B 218 -9.54 -10.12 11.18
CA VAL B 218 -10.67 -9.24 11.46
C VAL B 218 -11.41 -9.56 12.78
N ASP B 219 -11.63 -10.84 13.07
CA ASP B 219 -12.39 -11.21 14.26
C ASP B 219 -11.63 -10.90 15.55
N GLU B 220 -10.32 -11.07 15.54
CA GLU B 220 -9.52 -10.78 16.71
C GLU B 220 -9.52 -9.28 17.00
N ASP B 221 -9.38 -8.49 15.94
CA ASP B 221 -9.41 -7.03 16.04
C ASP B 221 -10.73 -6.62 16.61
N LEU B 222 -11.79 -7.12 16.00
CA LEU B 222 -13.14 -6.89 16.51
C LEU B 222 -13.22 -7.16 18.01
N ASN B 223 -12.93 -8.38 18.44
CA ASN B 223 -13.02 -8.69 19.86
C ASN B 223 -12.19 -7.76 20.73
N GLU B 224 -10.99 -7.39 20.27
CA GLU B 224 -10.13 -6.52 21.04
C GLU B 224 -10.71 -5.11 21.06
N ALA B 225 -11.29 -4.70 19.94
CA ALA B 225 -11.98 -3.41 19.90
C ALA B 225 -13.13 -3.41 20.90
N LYS B 226 -13.96 -4.45 20.85
CA LYS B 226 -15.13 -4.47 21.71
C LYS B 226 -14.74 -4.53 23.17
N GLU B 227 -13.61 -5.17 23.45
CA GLU B 227 -13.15 -5.28 24.82
C GLU B 227 -12.70 -3.91 25.34
N ALA B 228 -11.96 -3.18 24.49
CA ALA B 228 -11.47 -1.85 24.85
C ALA B 228 -12.63 -0.93 25.19
N VAL B 229 -13.73 -1.08 24.46
CA VAL B 229 -14.90 -0.25 24.69
C VAL B 229 -15.50 -0.51 26.06
N LYS B 230 -15.56 -1.77 26.46
CA LYS B 230 -16.09 -2.12 27.78
C LYS B 230 -15.31 -1.48 28.92
N ASN B 231 -14.00 -1.31 28.70
CA ASN B 231 -13.10 -0.75 29.68
C ASN B 231 -12.87 0.74 29.46
N GLN B 232 -13.45 1.28 28.39
CA GLN B 232 -13.28 2.70 28.04
C GLN B 232 -11.79 3.01 27.90
N ASP B 233 -11.06 2.11 27.26
CA ASP B 233 -9.61 2.20 27.19
C ASP B 233 -9.19 2.71 25.83
N PHE B 234 -8.99 4.02 25.73
CA PHE B 234 -8.79 4.70 24.46
C PHE B 234 -7.56 4.20 23.67
N GLN B 235 -6.40 4.17 24.30
CA GLN B 235 -5.19 3.72 23.60
C GLN B 235 -5.36 2.33 22.99
N ARG B 236 -5.99 1.43 23.75
CA ARG B 236 -6.19 0.07 23.30
C ARG B 236 -7.16 0.00 22.11
N LEU B 237 -8.30 0.67 22.22
CA LEU B 237 -9.20 0.78 21.07
C LEU B 237 -8.44 1.35 19.88
N GLY B 238 -7.77 2.47 20.14
CA GLY B 238 -7.08 3.23 19.11
C GLY B 238 -6.17 2.41 18.25
N GLU B 239 -5.30 1.63 18.88
CA GLU B 239 -4.28 0.84 18.18
C GLU B 239 -4.87 -0.25 17.30
N VAL B 240 -5.86 -0.98 17.80
CA VAL B 240 -6.41 -2.05 17.00
C VAL B 240 -7.17 -1.51 15.80
N ILE B 241 -7.93 -0.44 15.98
CA ILE B 241 -8.70 0.11 14.85
C ILE B 241 -7.76 0.72 13.83
N GLU B 242 -6.71 1.40 14.31
CA GLU B 242 -5.73 1.90 13.36
C GLU B 242 -5.12 0.77 12.51
N ALA B 243 -4.70 -0.30 13.16
CA ALA B 243 -4.13 -1.43 12.41
C ALA B 243 -5.18 -2.03 11.48
N ASN B 244 -6.39 -2.23 12.00
CA ASN B 244 -7.44 -2.82 11.17
C ASN B 244 -7.65 -1.98 9.94
N GLY B 245 -7.66 -0.67 10.14
CA GLY B 245 -7.87 0.25 9.04
C GLY B 245 -6.84 0.07 7.95
N LEU B 246 -5.57 0.05 8.33
CA LEU B 246 -4.52 -0.09 7.34
C LEU B 246 -4.60 -1.45 6.65
N ARG B 247 -4.99 -2.50 7.39
CA ARG B 247 -5.09 -3.81 6.76
C ARG B 247 -6.15 -3.83 5.65
N MET B 248 -7.19 -3.01 5.82
CA MET B 248 -8.21 -2.86 4.78
C MET B 248 -7.60 -2.31 3.51
N HIS B 249 -6.78 -1.26 3.62
CA HIS B 249 -6.21 -0.68 2.40
C HIS B 249 -5.11 -1.60 1.82
N ALA B 250 -4.48 -2.36 2.69
CA ALA B 250 -3.57 -3.39 2.24
C ALA B 250 -4.29 -4.34 1.29
N THR B 251 -5.52 -4.75 1.63
CA THR B 251 -6.17 -5.74 0.79
C THR B 251 -6.37 -5.23 -0.61
N ASN B 252 -6.51 -3.90 -0.76
CA ASN B 252 -6.66 -3.31 -2.10
C ASN B 252 -5.36 -3.34 -2.91
N LEU B 253 -4.24 -3.29 -2.20
CA LEU B 253 -2.95 -3.40 -2.85
C LEU B 253 -2.80 -4.79 -3.45
N GLY B 254 -3.48 -5.78 -2.87
CA GLY B 254 -3.37 -7.15 -3.37
C GLY B 254 -4.34 -7.48 -4.50
N ALA B 255 -5.24 -6.53 -4.79
CA ALA B 255 -6.27 -6.71 -5.81
C ALA B 255 -5.69 -6.97 -7.19
N GLN B 256 -6.51 -7.54 -8.06
CA GLN B 256 -6.10 -7.85 -9.42
C GLN B 256 -6.87 -7.01 -10.43
N PRO B 257 -6.29 -5.86 -10.85
CA PRO B 257 -4.99 -5.30 -10.47
C PRO B 257 -5.11 -4.43 -9.23
N PRO B 258 -3.96 -4.02 -8.64
CA PRO B 258 -4.00 -3.25 -7.39
C PRO B 258 -4.52 -1.83 -7.59
N PHE B 259 -5.00 -1.25 -6.50
CA PHE B 259 -5.43 0.12 -6.50
C PHE B 259 -5.32 0.63 -5.06
N THR B 260 -5.38 1.94 -4.91
CA THR B 260 -5.35 2.54 -3.58
C THR B 260 -6.26 3.75 -3.52
N TYR B 261 -6.87 3.94 -2.35
CA TYR B 261 -7.70 5.11 -2.09
C TYR B 261 -6.85 6.27 -1.59
N LEU B 262 -5.62 5.94 -1.18
CA LEU B 262 -4.75 6.90 -0.52
C LEU B 262 -3.86 7.72 -1.44
N VAL B 263 -3.64 8.99 -1.09
CA VAL B 263 -2.63 9.81 -1.77
C VAL B 263 -1.62 10.35 -0.76
N GLN B 264 -0.56 10.97 -1.26
CA GLN B 264 0.52 11.45 -0.38
C GLN B 264 0.03 12.28 0.80
N GLU B 265 -0.94 13.17 0.57
CA GLU B 265 -1.45 13.99 1.66
C GLU B 265 -2.03 13.12 2.76
N SER B 266 -2.72 12.05 2.39
CA SER B 266 -3.31 11.15 3.37
C SER B 266 -2.21 10.69 4.31
N TYR B 267 -1.04 10.39 3.74
CA TYR B 267 0.10 9.91 4.54
C TYR B 267 0.66 11.01 5.43
N ASP B 268 0.65 12.25 4.95
CA ASP B 268 1.13 13.38 5.73
C ASP B 268 0.26 13.54 6.98
N ALA B 269 -1.05 13.45 6.81
CA ALA B 269 -1.96 13.51 7.93
C ALA B 269 -1.67 12.38 8.91
N MET B 270 -1.45 11.19 8.38
CA MET B 270 -1.11 10.04 9.22
C MET B 270 0.10 10.37 10.08
N ALA B 271 1.13 10.91 9.45
CA ALA B 271 2.38 11.18 10.14
C ALA B 271 2.14 12.17 11.29
N ILE B 272 1.21 13.10 11.10
CA ILE B 272 0.94 14.08 12.15
C ILE B 272 0.27 13.41 13.36
N VAL B 273 -0.63 12.46 13.09
CA VAL B 273 -1.22 11.64 14.14
C VAL B 273 -0.16 10.91 14.97
N GLU B 274 0.85 10.36 14.30
CA GLU B 274 1.90 9.68 15.06
C GLU B 274 2.66 10.65 15.96
N GLN B 275 2.95 11.84 15.45
CA GLN B 275 3.70 12.82 16.23
C GLN B 275 2.93 13.26 17.47
N CYS B 276 1.63 13.51 17.31
CA CYS B 276 0.77 13.87 18.43
C CYS B 276 0.87 12.85 19.57
N ARG B 277 0.81 11.57 19.23
CA ARG B 277 0.98 10.52 20.24
C ARG B 277 2.31 10.69 20.97
N LYS B 278 3.33 11.00 20.20
CA LYS B 278 4.66 11.17 20.75
C LYS B 278 4.72 12.47 21.55
N ALA B 279 3.72 13.32 21.37
CA ALA B 279 3.68 14.59 22.06
C ALA B 279 2.69 14.55 23.22
N ASN B 280 2.33 13.34 23.64
CA ASN B 280 1.40 13.17 24.74
C ASN B 280 -0.02 13.63 24.38
N LEU B 281 -0.39 13.42 23.12
CA LEU B 281 -1.73 13.74 22.63
C LEU B 281 -2.27 12.55 21.87
N PRO B 282 -2.77 11.55 22.60
CA PRO B 282 -3.27 10.29 22.01
C PRO B 282 -4.37 10.50 20.96
N CYS B 283 -4.16 9.95 19.76
CA CYS B 283 -5.19 9.91 18.73
C CYS B 283 -4.83 8.84 17.70
N TYR B 284 -5.77 8.51 16.82
CA TYR B 284 -5.62 7.37 15.92
C TYR B 284 -6.41 7.61 14.65
N PHE B 285 -5.86 7.17 13.52
CA PHE B 285 -6.52 7.49 12.26
C PHE B 285 -7.18 6.30 11.59
N THR B 286 -8.10 6.61 10.67
CA THR B 286 -8.66 5.62 9.76
C THR B 286 -9.09 6.29 8.48
N MET B 287 -9.11 5.51 7.40
CA MET B 287 -9.52 6.03 6.12
C MET B 287 -10.57 5.06 5.54
N ASP B 288 -11.46 5.58 4.70
CA ASP B 288 -12.46 4.76 4.05
C ASP B 288 -12.20 4.68 2.56
N ALA B 289 -13.26 4.84 1.75
CA ALA B 289 -13.10 4.72 0.29
C ALA B 289 -12.72 6.06 -0.33
N GLY B 290 -11.61 6.61 0.13
CA GLY B 290 -11.15 7.92 -0.29
C GLY B 290 -9.94 8.29 0.54
N PRO B 291 -9.25 9.37 0.16
CA PRO B 291 -8.02 9.80 0.81
C PRO B 291 -8.26 10.62 2.06
N ASN B 292 -9.50 11.02 2.36
CA ASN B 292 -9.76 11.76 3.59
C ASN B 292 -9.23 10.97 4.78
N VAL B 293 -8.61 11.65 5.74
CA VAL B 293 -8.11 10.95 6.93
C VAL B 293 -8.94 11.35 8.13
N LYS B 294 -9.41 10.38 8.87
CA LYS B 294 -10.31 10.64 9.98
C LYS B 294 -9.57 10.29 11.26
N VAL B 295 -9.61 11.18 12.23
CA VAL B 295 -8.81 11.02 13.42
C VAL B 295 -9.68 10.95 14.67
N LEU B 296 -9.68 9.79 15.29
CA LEU B 296 -10.36 9.60 16.55
C LEU B 296 -9.50 10.23 17.62
N VAL B 297 -10.11 11.03 18.50
CA VAL B 297 -9.36 11.69 19.56
C VAL B 297 -10.31 11.95 20.72
N GLU B 298 -9.78 12.02 21.94
CA GLU B 298 -10.61 12.41 23.08
C GLU B 298 -10.92 13.89 23.00
N LYS B 299 -12.11 14.28 23.45
CA LYS B 299 -12.51 15.67 23.47
C LYS B 299 -11.49 16.58 24.16
N LYS B 300 -10.92 16.09 25.26
CA LYS B 300 -10.00 16.91 26.04
C LYS B 300 -8.78 17.31 25.22
N ASN B 301 -8.36 16.45 24.30
CA ASN B 301 -7.20 16.73 23.47
C ASN B 301 -7.58 17.22 22.08
N LYS B 302 -8.86 17.32 21.80
CA LYS B 302 -9.30 17.65 20.44
C LYS B 302 -8.65 18.92 19.85
N GLN B 303 -8.66 20.01 20.61
CA GLN B 303 -8.14 21.28 20.10
C GLN B 303 -6.63 21.21 19.83
N ALA B 304 -5.90 20.61 20.76
CA ALA B 304 -4.46 20.48 20.64
C ALA B 304 -4.11 19.72 19.36
N VAL B 305 -4.78 18.60 19.12
CA VAL B 305 -4.49 17.83 17.93
C VAL B 305 -4.81 18.63 16.67
N MET B 306 -5.92 19.36 16.69
CA MET B 306 -6.31 20.16 15.55
C MET B 306 -5.26 21.22 15.23
N GLU B 307 -4.69 21.83 16.26
CA GLU B 307 -3.66 22.84 16.08
C GLU B 307 -2.47 22.24 15.35
N GLN B 308 -2.13 21.00 15.69
CA GLN B 308 -0.98 20.37 15.08
C GLN B 308 -1.22 20.23 13.57
N PHE B 309 -2.44 19.87 13.20
CA PHE B 309 -2.82 19.79 11.79
C PHE B 309 -2.80 21.15 11.07
N LEU B 310 -3.24 22.20 11.76
CA LEU B 310 -3.33 23.53 11.16
C LEU B 310 -1.97 24.06 10.73
N LYS B 311 -0.93 23.61 11.40
CA LYS B 311 0.43 23.86 10.95
C LYS B 311 0.66 23.45 9.50
N VAL B 312 0.01 22.36 9.06
CA VAL B 312 0.28 21.77 7.76
C VAL B 312 -0.91 21.89 6.78
N PHE B 313 -2.13 21.79 7.30
CA PHE B 313 -3.30 21.86 6.44
C PHE B 313 -4.07 23.16 6.59
N ASP B 314 -4.82 23.54 5.56
CA ASP B 314 -5.66 24.73 5.61
C ASP B 314 -6.73 24.55 6.68
N GLU B 315 -7.07 25.64 7.36
CA GLU B 315 -8.09 25.61 8.39
C GLU B 315 -9.40 25.05 7.86
N SER B 316 -9.70 25.42 6.62
CA SER B 316 -10.95 25.01 5.96
C SER B 316 -11.05 23.52 5.74
N LYS B 317 -9.92 22.83 5.85
CA LYS B 317 -9.84 21.40 5.59
C LYS B 317 -9.82 20.58 6.87
N ILE B 318 -9.76 21.23 8.02
CA ILE B 318 -9.76 20.51 9.30
C ILE B 318 -11.10 20.64 10.01
N ILE B 319 -11.93 19.60 9.94
CA ILE B 319 -13.32 19.68 10.39
C ILE B 319 -13.65 18.64 11.49
N ALA B 320 -13.97 19.12 12.68
CA ALA B 320 -14.20 18.25 13.82
C ALA B 320 -15.67 17.86 13.92
N SER B 321 -15.93 16.72 14.57
CA SER B 321 -17.30 16.34 14.88
C SER B 321 -17.32 15.57 16.19
N ASP B 322 -18.42 15.68 16.92
CA ASP B 322 -18.56 14.86 18.10
C ASP B 322 -19.18 13.55 17.65
N ILE B 323 -19.17 12.57 18.56
CA ILE B 323 -19.86 11.33 18.37
C ILE B 323 -21.23 11.51 19.00
N ILE B 324 -22.29 11.27 18.26
CA ILE B 324 -23.64 11.49 18.80
C ILE B 324 -24.14 10.24 19.56
N SER B 325 -24.88 10.44 20.65
CA SER B 325 -25.35 9.34 21.50
C SER B 325 -26.67 8.72 21.03
N SER B 326 -27.55 9.54 20.46
CA SER B 326 -28.86 9.07 20.02
C SER B 326 -28.80 8.46 18.62
N GLY B 327 -29.82 7.68 18.25
CA GLY B 327 -29.84 7.08 16.94
C GLY B 327 -30.71 7.83 15.96
N VAL B 328 -31.22 7.10 14.96
CA VAL B 328 -32.01 7.69 13.91
C VAL B 328 -33.27 8.30 14.54
N GLU B 329 -33.74 9.40 13.97
CA GLU B 329 -34.72 10.22 14.67
C GLU B 329 -35.82 10.65 13.72
N ILE B 330 -37.08 10.45 14.09
CA ILE B 330 -38.13 10.91 13.21
C ILE B 330 -38.33 12.37 13.45
N ILE B 331 -38.56 13.10 12.36
CA ILE B 331 -38.72 14.53 12.45
C ILE B 331 -40.20 14.90 12.41
N LYS B 332 -40.72 15.38 13.55
CA LYS B 332 -42.01 16.05 13.61
C LYS B 332 -43.18 15.32 12.94
#